data_9I5E
#
_entry.id   9I5E
#
_cell.length_a   1.00
_cell.length_b   1.00
_cell.length_c   1.00
_cell.angle_alpha   90.00
_cell.angle_beta   90.00
_cell.angle_gamma   90.00
#
_symmetry.space_group_name_H-M   'P 1'
#
loop_
_entity.id
_entity.type
_entity.pdbx_description
1 polymer 'Isoform 2B of GTPase KRas,APH2'
2 polymer 'Nanobody 26'
3 non-polymer {(2S)-4-[7-(8-chloronaphthalen-1-yl)-2-{[(2S)-1-methylpyrrolidin-2-yl]methoxy}-5,6,7,8-tetrahydropyrido[3,4-d]pyrimidin-4-yl]-1-[(2S)-2-fluoropropanoyl]piperazin-2-yl}acetonitrile
4 non-polymer "GUANOSINE-5'-DIPHOSPHATE"
5 non-polymer 'MAGNESIUM ION'
#
loop_
_entity_poly.entity_id
_entity_poly.type
_entity_poly.pdbx_seq_one_letter_code
_entity_poly.pdbx_strand_id
1 'polypeptide(L)'
;MTEYKLVVVGACGVGKSALTIQLIQNHFVDEYDPTIEDSYRKQVVIDGETCLLDILDTAGQEEYSAMRDQYMRTGEGFLC
VFAINNTKSFEDIHHYREQIKRVKDSEDVPMVLVGNKCDLPSRTVDTKQAQDLARSYGIPFIETSAKTRQGVDDAFYTLV
REIRLHKELKQLEEELQAIEEQLAQLQWKAQARKEKLAQLKEKL
;
A,B
2 'polypeptide(L)'
;VQLQESGGGLVQAGDSLRLSCAASGRTFSTYPMGWFRQAPGKEREFVAASSSRAYYADSVKGRFTISRNNAKNTVYLQMN
SLKPEDTAVYYCVADSSPYYRRYDAAQDYDYWGQGTQVTVSS
;
M,N
#
# COMPACT_ATOMS: atom_id res chain seq x y z
N MET A 1 -32.00 -1.92 4.18
CA MET A 1 -30.65 -1.71 3.68
C MET A 1 -30.56 -0.41 2.88
N THR A 2 -31.69 0.05 2.35
CA THR A 2 -31.77 1.28 1.58
C THR A 2 -33.02 2.03 2.02
N GLU A 3 -32.85 2.93 2.99
CA GLU A 3 -33.94 3.70 3.57
C GLU A 3 -33.60 5.19 3.51
N TYR A 4 -34.58 5.99 3.12
CA TYR A 4 -34.43 7.44 3.05
C TYR A 4 -35.57 8.09 3.82
N LYS A 5 -35.27 9.22 4.46
CA LYS A 5 -36.24 9.94 5.28
C LYS A 5 -36.41 11.35 4.74
N LEU A 6 -37.66 11.76 4.54
CA LEU A 6 -38.00 13.04 3.96
C LEU A 6 -38.98 13.78 4.86
N VAL A 7 -38.86 15.10 4.87
CA VAL A 7 -39.70 15.97 5.67
C VAL A 7 -40.37 16.98 4.73
N VAL A 8 -41.69 17.12 4.86
CA VAL A 8 -42.48 17.99 4.01
C VAL A 8 -42.89 19.21 4.85
N VAL A 9 -42.47 20.39 4.41
CA VAL A 9 -42.73 21.64 5.10
C VAL A 9 -43.50 22.55 4.15
N GLY A 10 -44.48 23.27 4.69
CA GLY A 10 -45.28 24.19 3.90
C GLY A 10 -45.81 25.33 4.74
N ALA A 11 -47.07 25.67 4.54
CA ALA A 11 -47.73 26.73 5.29
C ALA A 11 -49.18 26.32 5.52
N CYS A 12 -50.02 27.27 5.91
CA CYS A 12 -51.41 26.97 6.20
C CYS A 12 -52.22 27.01 4.90
N GLY A 13 -52.96 25.94 4.64
CA GLY A 13 -53.84 25.89 3.48
C GLY A 13 -53.13 25.91 2.14
N VAL A 14 -52.02 25.19 2.03
CA VAL A 14 -51.27 25.14 0.77
C VAL A 14 -51.13 23.69 0.31
N GLY A 15 -52.08 22.86 0.70
CA GLY A 15 -52.03 21.45 0.34
C GLY A 15 -51.38 20.55 1.38
N LYS A 16 -51.18 21.03 2.59
CA LYS A 16 -50.63 20.20 3.65
C LYS A 16 -51.60 19.07 4.00
N SER A 17 -51.03 17.95 4.44
CA SER A 17 -51.76 16.76 4.84
C SER A 17 -52.59 16.15 3.71
N ALA A 18 -52.34 16.57 2.46
CA ALA A 18 -53.07 16.06 1.31
C ALA A 18 -52.20 15.41 0.26
N LEU A 19 -50.89 15.64 0.28
CA LEU A 19 -50.00 14.99 -0.68
C LEU A 19 -49.53 13.63 -0.18
N THR A 20 -49.16 13.54 1.09
CA THR A 20 -48.66 12.28 1.63
C THR A 20 -49.74 11.20 1.60
N ILE A 21 -50.97 11.54 1.98
CA ILE A 21 -52.04 10.56 1.99
C ILE A 21 -52.34 10.08 0.58
N GLN A 22 -52.36 11.01 -0.38
CA GLN A 22 -52.60 10.62 -1.77
C GLN A 22 -51.49 9.72 -2.29
N LEU A 23 -50.23 10.02 -1.93
CA LEU A 23 -49.13 9.17 -2.36
C LEU A 23 -49.21 7.78 -1.74
N ILE A 24 -49.56 7.69 -0.46
CA ILE A 24 -49.51 6.40 0.23
C ILE A 24 -50.75 5.58 -0.06
N GLN A 25 -51.93 6.07 0.31
CA GLN A 25 -53.16 5.29 0.27
C GLN A 25 -53.94 5.44 -1.02
N ASN A 26 -53.47 6.27 -1.96
CA ASN A 26 -54.12 6.47 -3.25
C ASN A 26 -55.58 6.91 -3.10
N HIS A 27 -55.87 7.69 -2.06
CA HIS A 27 -57.22 8.19 -1.82
C HIS A 27 -57.16 9.64 -1.39
N PHE A 28 -58.27 10.35 -1.58
CA PHE A 28 -58.34 11.78 -1.31
C PHE A 28 -59.39 12.06 -0.25
N VAL A 29 -59.12 13.04 0.60
CA VAL A 29 -60.06 13.55 1.59
C VAL A 29 -60.24 15.05 1.35
N ASP A 30 -61.48 15.52 1.44
CA ASP A 30 -61.75 16.93 1.22
C ASP A 30 -61.34 17.79 2.41
N GLU A 31 -61.54 17.28 3.62
CA GLU A 31 -61.20 18.02 4.84
C GLU A 31 -60.45 17.11 5.79
N TYR A 32 -59.40 17.65 6.40
CA TYR A 32 -58.61 16.93 7.39
C TYR A 32 -58.19 17.88 8.49
N ASP A 33 -58.15 17.36 9.72
CA ASP A 33 -57.79 18.18 10.87
C ASP A 33 -56.28 18.45 10.87
N PRO A 34 -55.85 19.71 10.85
CA PRO A 34 -54.40 19.99 10.78
C PRO A 34 -53.64 19.59 12.04
N THR A 35 -54.33 19.36 13.16
CA THR A 35 -53.64 19.03 14.40
C THR A 35 -52.98 17.66 14.36
N ILE A 36 -53.35 16.81 13.41
CA ILE A 36 -52.79 15.46 13.32
C ILE A 36 -51.40 15.54 12.71
N GLU A 37 -50.42 14.99 13.41
CA GLU A 37 -49.05 14.88 12.91
C GLU A 37 -48.63 13.43 13.00
N ASP A 38 -48.40 12.80 11.85
CA ASP A 38 -48.07 11.38 11.80
C ASP A 38 -47.02 11.13 10.74
N SER A 39 -46.35 9.98 10.87
CA SER A 39 -45.30 9.56 9.94
C SER A 39 -45.79 8.37 9.13
N TYR A 40 -45.33 8.29 7.88
CA TYR A 40 -45.75 7.23 6.98
C TYR A 40 -44.53 6.49 6.44
N ARG A 41 -44.72 5.19 6.17
CA ARG A 41 -43.68 4.34 5.62
C ARG A 41 -44.20 3.69 4.34
N LYS A 42 -43.34 3.61 3.33
CA LYS A 42 -43.75 2.94 2.10
C LYS A 42 -42.54 2.43 1.34
N GLN A 43 -42.69 1.26 0.72
CA GLN A 43 -41.67 0.70 -0.14
C GLN A 43 -41.93 1.13 -1.58
N VAL A 44 -40.85 1.34 -2.34
CA VAL A 44 -40.93 1.75 -3.73
C VAL A 44 -39.86 1.02 -4.53
N VAL A 45 -39.99 1.08 -5.85
CA VAL A 45 -39.00 0.54 -6.78
C VAL A 45 -38.61 1.68 -7.71
N ILE A 46 -37.41 2.22 -7.53
CA ILE A 46 -36.92 3.35 -8.32
C ILE A 46 -35.68 2.91 -9.07
N ASP A 47 -35.68 3.12 -10.39
CA ASP A 47 -34.55 2.79 -11.25
C ASP A 47 -34.15 1.32 -11.13
N GLY A 48 -35.14 0.45 -10.94
CA GLY A 48 -34.90 -0.96 -10.84
C GLY A 48 -34.41 -1.45 -9.50
N GLU A 49 -34.26 -0.57 -8.52
CA GLU A 49 -33.78 -0.93 -7.18
C GLU A 49 -34.83 -0.57 -6.16
N THR A 50 -35.10 -1.48 -5.23
CA THR A 50 -36.09 -1.22 -4.20
C THR A 50 -35.53 -0.27 -3.15
N CYS A 51 -36.44 0.49 -2.53
CA CYS A 51 -36.07 1.49 -1.53
C CYS A 51 -37.21 1.64 -0.54
N LEU A 52 -36.86 2.16 0.63
CA LEU A 52 -37.85 2.47 1.68
C LEU A 52 -37.89 3.97 1.88
N LEU A 53 -39.09 4.52 1.99
CA LEU A 53 -39.29 5.95 2.21
C LEU A 53 -40.07 6.16 3.50
N ASP A 54 -39.52 6.99 4.38
CA ASP A 54 -40.22 7.49 5.55
C ASP A 54 -40.56 8.95 5.30
N ILE A 55 -41.83 9.31 5.49
CA ILE A 55 -42.33 10.64 5.20
C ILE A 55 -42.86 11.24 6.49
N LEU A 56 -42.37 12.43 6.84
CA LEU A 56 -42.83 13.17 8.00
C LEU A 56 -43.35 14.53 7.54
N ASP A 57 -44.59 14.84 7.90
CA ASP A 57 -45.25 16.07 7.48
C ASP A 57 -45.21 17.03 8.67
N THR A 58 -44.66 18.22 8.47
CA THR A 58 -44.59 19.20 9.54
C THR A 58 -45.98 19.75 9.83
N ALA A 59 -46.47 19.53 11.05
CA ALA A 59 -47.81 19.96 11.43
C ALA A 59 -47.79 20.32 12.91
N GLY A 60 -48.99 20.44 13.50
CA GLY A 60 -49.11 20.78 14.89
C GLY A 60 -49.01 22.28 15.13
N GLN A 61 -48.99 22.63 16.41
CA GLN A 61 -48.89 24.03 16.80
C GLN A 61 -47.44 24.51 16.75
N GLU A 62 -47.25 25.81 16.92
CA GLU A 62 -45.93 26.41 16.88
C GLU A 62 -45.12 25.91 18.07
N GLU A 63 -44.00 25.24 17.80
CA GLU A 63 -43.14 24.72 18.84
C GLU A 63 -41.71 25.18 18.60
N TYR A 64 -41.04 25.59 19.67
CA TYR A 64 -39.67 26.09 19.59
C TYR A 64 -38.75 25.46 20.63
N SER A 65 -39.20 24.42 21.32
CA SER A 65 -38.35 23.76 22.31
C SER A 65 -37.20 23.03 21.64
N ALA A 66 -36.09 22.91 22.39
CA ALA A 66 -34.91 22.23 21.85
C ALA A 66 -35.16 20.74 21.66
N MET A 67 -36.08 20.16 22.43
CA MET A 67 -36.36 18.74 22.29
C MET A 67 -36.95 18.41 20.91
N ARG A 68 -37.79 19.32 20.38
CA ARG A 68 -38.36 19.11 19.06
C ARG A 68 -37.29 19.02 17.99
N ASP A 69 -36.37 19.99 17.97
CA ASP A 69 -35.30 19.96 16.98
C ASP A 69 -34.27 18.88 17.27
N GLN A 70 -34.19 18.39 18.50
CA GLN A 70 -33.31 17.26 18.79
C GLN A 70 -33.88 15.98 18.21
N TYR A 71 -35.20 15.76 18.38
CA TYR A 71 -35.85 14.62 17.73
C TYR A 71 -35.86 14.80 16.22
N MET A 72 -35.80 16.04 15.74
CA MET A 72 -35.76 16.32 14.31
C MET A 72 -34.31 16.40 13.86
N ARG A 73 -34.08 16.90 12.64
CA ARG A 73 -32.83 16.91 11.89
C ARG A 73 -32.38 15.51 11.48
N THR A 74 -33.12 14.47 11.85
CA THR A 74 -32.83 13.14 11.35
C THR A 74 -33.21 12.98 9.89
N GLY A 75 -33.95 13.94 9.33
CA GLY A 75 -34.32 13.86 7.93
C GLY A 75 -33.14 14.07 7.01
N GLU A 76 -33.18 13.40 5.87
CA GLU A 76 -32.16 13.54 4.84
C GLU A 76 -32.63 14.29 3.61
N GLY A 77 -33.93 14.35 3.36
CA GLY A 77 -34.47 15.11 2.25
C GLY A 77 -35.55 16.06 2.72
N PHE A 78 -35.64 17.21 2.05
CA PHE A 78 -36.61 18.23 2.42
C PHE A 78 -37.40 18.68 1.20
N LEU A 79 -38.73 18.72 1.35
CA LEU A 79 -39.63 19.15 0.29
C LEU A 79 -40.48 20.30 0.83
N CYS A 80 -40.38 21.46 0.18
CA CYS A 80 -41.13 22.64 0.59
C CYS A 80 -42.23 22.92 -0.42
N VAL A 81 -43.44 23.10 0.08
CA VAL A 81 -44.63 23.20 -0.76
C VAL A 81 -45.16 24.63 -0.74
N PHE A 82 -45.81 25.02 -1.84
CA PHE A 82 -46.42 26.34 -1.94
C PHE A 82 -47.50 26.31 -3.01
N ALA A 83 -48.39 27.29 -2.94
CA ALA A 83 -49.47 27.48 -3.91
C ALA A 83 -49.24 28.76 -4.68
N ILE A 84 -50.15 29.05 -5.61
CA ILE A 84 -50.01 30.18 -6.51
C ILE A 84 -50.85 31.37 -6.07
N ASN A 85 -51.19 31.44 -4.78
CA ASN A 85 -52.05 32.51 -4.30
C ASN A 85 -51.66 33.09 -2.94
N ASN A 86 -50.54 32.67 -2.35
CA ASN A 86 -50.15 33.14 -1.01
C ASN A 86 -48.72 33.67 -1.01
N THR A 87 -48.59 34.99 -1.15
CA THR A 87 -47.30 35.61 -0.88
C THR A 87 -46.87 35.37 0.57
N LYS A 88 -47.84 35.20 1.46
CA LYS A 88 -47.52 34.82 2.84
C LYS A 88 -46.84 33.46 2.88
N SER A 89 -47.33 32.51 2.09
CA SER A 89 -46.68 31.20 2.03
C SER A 89 -45.31 31.30 1.39
N PHE A 90 -45.16 32.18 0.39
CA PHE A 90 -43.84 32.43 -0.18
C PHE A 90 -42.86 32.89 0.89
N GLU A 91 -43.24 33.90 1.67
CA GLU A 91 -42.37 34.43 2.70
C GLU A 91 -42.10 33.38 3.78
N ASP A 92 -43.12 32.59 4.13
CA ASP A 92 -42.92 31.54 5.12
C ASP A 92 -41.93 30.50 4.63
N ILE A 93 -42.00 30.13 3.35
CA ILE A 93 -41.05 29.18 2.79
C ILE A 93 -39.63 29.76 2.84
N HIS A 94 -39.49 31.04 2.49
CA HIS A 94 -38.18 31.67 2.52
C HIS A 94 -37.61 31.66 3.95
N HIS A 95 -38.44 32.01 4.93
CA HIS A 95 -37.98 32.03 6.32
C HIS A 95 -37.64 30.63 6.80
N TYR A 96 -38.44 29.63 6.45
CA TYR A 96 -38.16 28.27 6.85
C TYR A 96 -36.85 27.78 6.27
N ARG A 97 -36.58 28.09 5.01
CA ARG A 97 -35.31 27.71 4.42
C ARG A 97 -34.14 28.40 5.12
N GLU A 98 -34.30 29.70 5.41
CA GLU A 98 -33.24 30.43 6.11
C GLU A 98 -32.97 29.81 7.48
N GLN A 99 -34.01 29.34 8.16
CA GLN A 99 -33.81 28.77 9.48
C GLN A 99 -33.21 27.37 9.40
N ILE A 100 -33.62 26.54 8.44
CA ILE A 100 -33.09 25.19 8.39
C ILE A 100 -31.62 25.24 7.97
N LYS A 101 -31.24 26.22 7.14
CA LYS A 101 -29.83 26.42 6.84
C LYS A 101 -28.98 26.42 8.10
N ARG A 102 -29.27 27.34 9.03
CA ARG A 102 -28.45 27.46 10.23
C ARG A 102 -28.70 26.33 11.22
N VAL A 103 -29.90 25.74 11.19
CA VAL A 103 -30.19 24.64 12.12
C VAL A 103 -29.37 23.41 11.76
N LYS A 104 -29.34 23.06 10.47
CA LYS A 104 -28.57 21.90 10.04
C LYS A 104 -27.08 22.19 10.00
N ASP A 105 -26.70 23.44 9.74
CA ASP A 105 -25.30 23.89 9.63
C ASP A 105 -24.58 23.22 8.47
N SER A 106 -25.29 22.66 7.51
CA SER A 106 -24.69 22.04 6.34
C SER A 106 -24.67 23.03 5.18
N GLU A 107 -23.62 22.94 4.36
CA GLU A 107 -23.50 23.85 3.22
C GLU A 107 -24.60 23.62 2.20
N ASP A 108 -25.01 22.36 2.01
CA ASP A 108 -26.05 22.03 1.06
C ASP A 108 -26.77 20.77 1.50
N VAL A 109 -28.09 20.77 1.39
CA VAL A 109 -28.92 19.62 1.76
C VAL A 109 -29.85 19.30 0.59
N PRO A 110 -30.32 18.06 0.45
CA PRO A 110 -31.29 17.75 -0.61
C PRO A 110 -32.60 18.48 -0.40
N MET A 111 -32.91 19.40 -1.31
CA MET A 111 -34.03 20.32 -1.19
C MET A 111 -34.79 20.37 -2.51
N VAL A 112 -36.12 20.25 -2.43
CA VAL A 112 -36.98 20.33 -3.61
C VAL A 112 -38.13 21.27 -3.30
N LEU A 113 -38.60 22.01 -4.32
CA LEU A 113 -39.74 22.90 -4.19
C LEU A 113 -40.90 22.38 -5.03
N VAL A 114 -42.10 22.42 -4.46
CA VAL A 114 -43.29 21.85 -5.11
C VAL A 114 -44.40 22.88 -5.09
N GLY A 115 -45.03 23.06 -6.25
CA GLY A 115 -46.20 23.91 -6.38
C GLY A 115 -47.48 23.12 -6.54
N ASN A 116 -48.38 23.22 -5.57
CA ASN A 116 -49.55 22.38 -5.49
C ASN A 116 -50.81 23.13 -5.91
N LYS A 117 -51.81 22.36 -6.37
CA LYS A 117 -53.14 22.86 -6.66
C LYS A 117 -53.11 23.98 -7.70
N CYS A 118 -52.67 23.62 -8.91
CA CYS A 118 -52.45 24.59 -9.98
C CYS A 118 -53.50 24.54 -11.08
N ASP A 119 -54.01 23.36 -11.44
CA ASP A 119 -54.91 23.27 -12.58
C ASP A 119 -56.28 23.87 -12.29
N LEU A 120 -56.85 23.56 -11.13
CA LEU A 120 -58.21 24.00 -10.82
C LEU A 120 -58.29 25.48 -10.45
N PRO A 121 -57.58 25.95 -9.42
CA PRO A 121 -57.80 27.32 -8.95
C PRO A 121 -57.24 28.35 -9.91
N SER A 122 -57.63 29.61 -9.67
CA SER A 122 -57.10 30.73 -10.44
C SER A 122 -55.61 30.88 -10.19
N ARG A 123 -54.89 31.34 -11.21
CA ARG A 123 -53.44 31.35 -11.23
C ARG A 123 -52.94 32.79 -11.21
N THR A 124 -52.15 33.13 -10.18
CA THR A 124 -51.68 34.50 -9.98
C THR A 124 -50.17 34.64 -10.02
N VAL A 125 -49.44 33.85 -9.23
CA VAL A 125 -47.99 34.04 -9.13
C VAL A 125 -47.32 33.51 -10.38
N ASP A 126 -46.44 34.33 -10.97
CA ASP A 126 -45.89 34.05 -12.28
C ASP A 126 -44.97 32.84 -12.28
N THR A 127 -45.11 32.00 -13.31
CA THR A 127 -44.19 30.90 -13.51
C THR A 127 -42.77 31.40 -13.72
N LYS A 128 -42.62 32.57 -14.36
CA LYS A 128 -41.29 33.17 -14.47
C LYS A 128 -40.71 33.48 -13.11
N GLN A 129 -41.53 34.03 -12.20
CA GLN A 129 -41.07 34.28 -10.85
C GLN A 129 -40.67 33.00 -10.14
N ALA A 130 -41.50 31.96 -10.27
CA ALA A 130 -41.20 30.69 -9.60
C ALA A 130 -39.91 30.09 -10.11
N GLN A 131 -39.72 30.08 -11.43
CA GLN A 131 -38.51 29.53 -12.01
C GLN A 131 -37.29 30.37 -11.65
N ASP A 132 -37.46 31.70 -11.58
CA ASP A 132 -36.35 32.56 -11.18
C ASP A 132 -35.92 32.26 -9.74
N LEU A 133 -36.90 32.09 -8.85
CA LEU A 133 -36.56 31.75 -7.48
C LEU A 133 -35.90 30.38 -7.39
N ALA A 134 -36.39 29.41 -8.17
CA ALA A 134 -35.79 28.09 -8.15
C ALA A 134 -34.35 28.11 -8.64
N ARG A 135 -34.10 28.83 -9.74
CA ARG A 135 -32.75 28.92 -10.28
C ARG A 135 -31.82 29.68 -9.33
N SER A 136 -32.34 30.74 -8.69
CA SER A 136 -31.54 31.47 -7.73
C SER A 136 -31.19 30.62 -6.52
N TYR A 137 -32.12 29.79 -6.05
CA TYR A 137 -31.89 28.97 -4.88
C TYR A 137 -31.07 27.72 -5.20
N GLY A 138 -31.06 27.28 -6.45
CA GLY A 138 -30.31 26.10 -6.81
C GLY A 138 -30.99 24.78 -6.50
N ILE A 139 -32.31 24.77 -6.46
CA ILE A 139 -33.06 23.55 -6.14
C ILE A 139 -34.10 23.28 -7.23
N PRO A 140 -34.40 22.02 -7.53
CA PRO A 140 -35.43 21.73 -8.53
C PRO A 140 -36.82 22.16 -8.09
N PHE A 141 -37.63 22.53 -9.08
CA PHE A 141 -39.01 22.94 -8.89
C PHE A 141 -39.93 22.02 -9.68
N ILE A 142 -40.99 21.55 -9.03
CA ILE A 142 -41.92 20.60 -9.64
C ILE A 142 -43.34 21.07 -9.38
N GLU A 143 -44.17 21.00 -10.42
CA GLU A 143 -45.59 21.32 -10.33
C GLU A 143 -46.38 20.05 -10.13
N THR A 144 -47.20 20.02 -9.08
CA THR A 144 -47.93 18.82 -8.68
C THR A 144 -49.38 19.18 -8.41
N SER A 145 -50.29 18.30 -8.81
CA SER A 145 -51.71 18.44 -8.53
C SER A 145 -52.14 17.30 -7.61
N ALA A 146 -52.75 17.65 -6.48
CA ALA A 146 -53.06 16.64 -5.46
C ALA A 146 -54.18 15.71 -5.91
N LYS A 147 -55.27 16.27 -6.43
CA LYS A 147 -56.44 15.45 -6.72
C LYS A 147 -56.27 14.61 -7.98
N THR A 148 -55.47 15.05 -8.94
CA THR A 148 -55.28 14.31 -10.17
C THR A 148 -54.10 13.35 -10.14
N ARG A 149 -53.31 13.37 -9.06
CA ARG A 149 -52.20 12.42 -8.85
C ARG A 149 -51.19 12.49 -9.99
N GLN A 150 -50.53 13.64 -10.08
CA GLN A 150 -49.45 13.83 -11.03
C GLN A 150 -48.33 14.64 -10.40
N GLY A 151 -47.09 14.17 -10.54
CA GLY A 151 -45.91 14.89 -10.12
C GLY A 151 -45.27 14.36 -8.85
N VAL A 152 -46.06 13.73 -7.97
CA VAL A 152 -45.53 13.29 -6.67
C VAL A 152 -44.43 12.26 -6.85
N ASP A 153 -44.68 11.26 -7.71
CA ASP A 153 -43.71 10.18 -7.88
C ASP A 153 -42.39 10.72 -8.43
N ASP A 154 -42.47 11.55 -9.46
CA ASP A 154 -41.24 12.10 -10.05
C ASP A 154 -40.50 13.01 -9.07
N ALA A 155 -41.25 13.80 -8.28
CA ALA A 155 -40.59 14.65 -7.30
C ALA A 155 -39.84 13.82 -6.27
N PHE A 156 -40.48 12.75 -5.76
CA PHE A 156 -39.81 11.91 -4.78
C PHE A 156 -38.60 11.22 -5.40
N TYR A 157 -38.73 10.76 -6.65
CA TYR A 157 -37.61 10.10 -7.31
C TYR A 157 -36.43 11.05 -7.51
N THR A 158 -36.71 12.30 -7.89
CA THR A 158 -35.64 13.27 -8.05
C THR A 158 -34.96 13.58 -6.72
N LEU A 159 -35.74 13.68 -5.65
CA LEU A 159 -35.14 13.88 -4.33
C LEU A 159 -34.21 12.73 -3.97
N VAL A 160 -34.66 11.49 -4.20
CA VAL A 160 -33.82 10.32 -3.93
C VAL A 160 -32.56 10.36 -4.78
N ARG A 161 -32.68 10.80 -6.04
CA ARG A 161 -31.53 10.89 -6.92
C ARG A 161 -30.50 11.90 -6.39
N GLU A 162 -30.98 13.04 -5.88
CA GLU A 162 -30.06 14.01 -5.29
C GLU A 162 -29.34 13.42 -4.08
N ILE A 163 -30.06 12.67 -3.25
CA ILE A 163 -29.43 12.03 -2.10
C ILE A 163 -28.31 11.10 -2.55
N ARG A 164 -28.61 10.27 -3.56
CA ARG A 164 -27.62 9.33 -4.07
C ARG A 164 -26.39 10.05 -4.61
N LEU A 165 -26.60 11.13 -5.36
CA LEU A 165 -25.49 11.88 -5.92
C LEU A 165 -24.59 12.43 -4.82
N HIS A 166 -25.19 12.99 -3.76
CA HIS A 166 -24.39 13.55 -2.67
C HIS A 166 -23.55 12.45 -2.00
N LYS A 167 -24.17 11.30 -1.73
CA LYS A 167 -23.42 10.21 -1.09
C LYS A 167 -22.25 9.76 -1.95
N GLU A 168 -22.48 9.61 -3.27
CA GLU A 168 -21.42 9.18 -4.16
C GLU A 168 -20.27 10.17 -4.19
N LEU A 169 -20.59 11.47 -4.24
CA LEU A 169 -19.55 12.49 -4.26
C LEU A 169 -18.69 12.42 -3.00
N LYS A 170 -19.32 12.29 -1.84
CA LYS A 170 -18.56 12.23 -0.60
C LYS A 170 -17.62 11.03 -0.58
N GLN A 171 -18.14 9.85 -0.97
CA GLN A 171 -17.31 8.66 -0.98
C GLN A 171 -16.11 8.80 -1.92
N LEU A 172 -16.36 9.34 -3.12
CA LEU A 172 -15.26 9.49 -4.08
C LEU A 172 -14.19 10.44 -3.56
N GLU A 173 -14.59 11.55 -2.94
CA GLU A 173 -13.60 12.50 -2.42
C GLU A 173 -12.76 11.85 -1.33
N GLU A 174 -13.39 11.13 -0.41
CA GLU A 174 -12.63 10.49 0.66
C GLU A 174 -11.62 9.49 0.11
N GLU A 175 -12.04 8.67 -0.86
CA GLU A 175 -11.14 7.68 -1.43
C GLU A 175 -9.95 8.34 -2.12
N LEU A 176 -10.21 9.43 -2.85
CA LEU A 176 -9.12 10.12 -3.54
C LEU A 176 -8.10 10.66 -2.53
N GLN A 177 -8.58 11.23 -1.42
CA GLN A 177 -7.66 11.75 -0.42
C GLN A 177 -6.76 10.64 0.15
N ALA A 178 -7.37 9.51 0.48
CA ALA A 178 -6.58 8.40 1.03
C ALA A 178 -5.52 7.93 0.05
N ILE A 179 -5.90 7.79 -1.23
CA ILE A 179 -4.94 7.33 -2.23
C ILE A 179 -3.80 8.32 -2.38
N GLU A 180 -4.10 9.62 -2.34
CA GLU A 180 -3.04 10.61 -2.49
C GLU A 180 -2.04 10.52 -1.34
N GLU A 181 -2.53 10.31 -0.11
CA GLU A 181 -1.60 10.17 1.01
C GLU A 181 -0.70 8.95 0.85
N GLN A 182 -1.30 7.82 0.42
CA GLN A 182 -0.50 6.62 0.12
C GLN A 182 0.60 6.94 -0.87
N LEU A 183 0.24 7.64 -1.94
CA LEU A 183 1.18 7.96 -3.00
C LEU A 183 2.36 8.77 -2.46
N ALA A 184 2.07 9.79 -1.66
CA ALA A 184 3.13 10.64 -1.14
C ALA A 184 4.13 9.84 -0.30
N GLN A 185 3.60 9.05 0.65
CA GLN A 185 4.52 8.31 1.52
C GLN A 185 5.38 7.32 0.73
N LEU A 186 4.75 6.57 -0.19
CA LEU A 186 5.51 5.59 -0.96
C LEU A 186 6.57 6.26 -1.82
N GLN A 187 6.25 7.43 -2.40
CA GLN A 187 7.21 8.13 -3.23
C GLN A 187 8.43 8.55 -2.43
N TRP A 188 8.22 9.07 -1.21
CA TRP A 188 9.37 9.46 -0.40
C TRP A 188 10.22 8.26 -0.04
N LYS A 189 9.58 7.14 0.31
CA LYS A 189 10.35 5.94 0.64
C LYS A 189 11.19 5.48 -0.55
N ALA A 190 10.61 5.50 -1.75
CA ALA A 190 11.33 5.09 -2.94
C ALA A 190 12.52 6.01 -3.20
N GLN A 191 12.33 7.32 -3.04
CA GLN A 191 13.42 8.25 -3.29
C GLN A 191 14.58 7.99 -2.33
N ALA A 192 14.27 7.79 -1.04
CA ALA A 192 15.34 7.53 -0.08
C ALA A 192 16.09 6.25 -0.40
N ARG A 193 15.36 5.17 -0.73
CA ARG A 193 16.02 3.91 -1.03
C ARG A 193 16.88 4.01 -2.28
N LYS A 194 16.39 4.69 -3.32
CA LYS A 194 17.18 4.84 -4.53
C LYS A 194 18.44 5.64 -4.29
N GLU A 195 18.35 6.71 -3.48
CA GLU A 195 19.54 7.47 -3.14
C GLU A 195 20.55 6.61 -2.41
N LYS A 196 20.08 5.79 -1.46
CA LYS A 196 20.99 4.89 -0.76
C LYS A 196 21.66 3.90 -1.71
N LEU A 197 20.89 3.35 -2.64
CA LEU A 197 21.46 2.40 -3.60
C LEU A 197 22.53 3.07 -4.46
N ALA A 198 22.25 4.29 -4.93
CA ALA A 198 23.24 5.00 -5.73
C ALA A 198 24.50 5.27 -4.94
N GLN A 199 24.36 5.70 -3.69
CA GLN A 199 25.52 5.97 -2.84
C GLN A 199 26.35 4.71 -2.62
N LEU A 200 25.68 3.57 -2.39
CA LEU A 200 26.41 2.32 -2.19
C LEU A 200 27.11 1.88 -3.47
N LYS A 201 26.46 2.03 -4.62
CA LYS A 201 27.08 1.64 -5.89
C LYS A 201 28.29 2.51 -6.20
N GLU A 202 28.24 3.80 -5.84
CA GLU A 202 29.35 4.69 -6.15
C GLU A 202 30.64 4.25 -5.47
N LYS A 203 30.54 3.62 -4.29
CA LYS A 203 31.73 3.18 -3.58
C LYS A 203 32.47 2.08 -4.36
N LEU A 204 31.73 1.11 -4.88
CA LEU A 204 32.34 -0.02 -5.58
C LEU A 204 32.58 0.32 -7.05
N VAL B 1 19.29 -1.56 14.11
CA VAL B 1 19.35 -2.77 14.93
C VAL B 1 19.31 -2.40 16.40
N GLN B 2 20.17 -1.47 16.81
CA GLN B 2 20.25 -1.02 18.19
C GLN B 2 20.05 0.49 18.25
N LEU B 3 19.25 0.92 19.22
CA LEU B 3 18.97 2.33 19.46
C LEU B 3 19.32 2.68 20.90
N GLN B 4 20.05 3.77 21.09
CA GLN B 4 20.47 4.22 22.41
C GLN B 4 19.92 5.62 22.66
N GLU B 5 19.31 5.82 23.82
CA GLU B 5 18.69 7.09 24.16
C GLU B 5 19.35 7.70 25.39
N SER B 6 19.35 9.03 25.44
CA SER B 6 19.95 9.75 26.55
C SER B 6 19.25 11.09 26.74
N GLY B 7 19.38 11.64 27.94
CA GLY B 7 18.87 12.96 28.26
C GLY B 7 17.76 13.01 29.29
N GLY B 8 17.26 11.90 29.79
CA GLY B 8 16.15 11.90 30.71
C GLY B 8 16.55 12.36 32.11
N GLY B 9 15.55 12.44 32.98
CA GLY B 9 15.77 12.83 34.35
C GLY B 9 14.56 13.54 34.92
N LEU B 10 14.80 14.23 36.04
CA LEU B 10 13.77 14.97 36.76
C LEU B 10 14.15 16.44 36.82
N VAL B 11 13.22 17.30 36.44
CA VAL B 11 13.42 18.75 36.43
C VAL B 11 12.18 19.42 37.00
N GLN B 12 12.20 20.76 37.01
CA GLN B 12 11.10 21.57 37.51
C GLN B 12 10.18 21.99 36.37
N ALA B 13 9.01 22.49 36.74
CA ALA B 13 8.03 22.94 35.75
C ALA B 13 8.48 24.23 35.09
N GLY B 14 8.24 24.33 33.79
CA GLY B 14 8.59 25.51 33.04
C GLY B 14 9.98 25.52 32.45
N ASP B 15 10.81 24.53 32.77
CA ASP B 15 12.17 24.46 32.23
C ASP B 15 12.12 23.89 30.81
N SER B 16 13.29 23.59 30.26
CA SER B 16 13.41 23.06 28.90
C SER B 16 14.37 21.89 28.88
N LEU B 17 13.98 20.83 28.16
CA LEU B 17 14.76 19.60 28.09
C LEU B 17 15.05 19.23 26.64
N ARG B 18 16.10 18.43 26.46
CA ARG B 18 16.52 17.97 25.15
C ARG B 18 16.97 16.51 25.28
N LEU B 19 16.33 15.62 24.52
CA LEU B 19 16.62 14.20 24.55
C LEU B 19 17.14 13.75 23.20
N SER B 20 18.00 12.75 23.20
CA SER B 20 18.64 12.25 21.99
C SER B 20 18.43 10.75 21.84
N CYS B 21 18.22 10.30 20.61
CA CYS B 21 18.07 8.88 20.29
C CYS B 21 18.91 8.59 19.06
N ALA B 22 19.92 7.74 19.21
CA ALA B 22 20.88 7.45 18.15
C ALA B 22 20.78 6.00 17.73
N ALA B 23 20.72 5.75 16.43
CA ALA B 23 20.68 4.40 15.89
C ALA B 23 22.09 3.98 15.51
N SER B 24 22.59 2.93 16.17
CA SER B 24 23.98 2.50 15.99
C SER B 24 24.08 1.06 15.50
N GLY B 25 23.04 0.54 14.85
CA GLY B 25 23.08 -0.81 14.35
C GLY B 25 23.58 -0.90 12.92
N ARG B 26 22.95 -0.15 12.03
CA ARG B 26 23.32 -0.13 10.61
C ARG B 26 22.74 1.14 10.00
N THR B 27 22.76 1.22 8.67
CA THR B 27 22.23 2.38 7.98
C THR B 27 20.74 2.53 8.25
N PHE B 28 20.32 3.74 8.62
CA PHE B 28 18.93 4.03 8.96
C PHE B 28 18.41 5.25 8.22
N SER B 29 19.10 5.70 7.17
CA SER B 29 18.69 6.88 6.43
C SER B 29 17.35 6.69 5.72
N THR B 30 16.95 5.44 5.47
CA THR B 30 15.69 5.15 4.82
C THR B 30 14.61 4.71 5.82
N TYR B 31 14.86 4.87 7.11
CA TYR B 31 13.95 4.40 8.14
C TYR B 31 13.30 5.58 8.85
N PRO B 32 11.97 5.75 8.76
CA PRO B 32 11.31 6.79 9.54
C PRO B 32 11.44 6.52 11.04
N MET B 33 11.42 7.59 11.82
CA MET B 33 11.59 7.50 13.27
C MET B 33 10.49 8.29 13.96
N GLY B 34 10.32 8.03 15.25
CA GLY B 34 9.28 8.71 16.01
C GLY B 34 9.40 8.44 17.50
N TRP B 35 8.48 9.05 18.25
CA TRP B 35 8.48 8.97 19.71
C TRP B 35 7.09 8.63 20.23
N PHE B 36 7.05 7.82 21.28
CA PHE B 36 5.81 7.45 21.94
C PHE B 36 5.92 7.72 23.43
N ARG B 37 4.78 7.94 24.08
CA ARG B 37 4.73 8.32 25.48
C ARG B 37 3.79 7.38 26.23
N GLN B 38 4.13 7.14 27.50
CA GLN B 38 3.29 6.32 28.37
C GLN B 38 3.38 6.87 29.79
N ALA B 39 2.24 7.24 30.34
CA ALA B 39 2.11 7.65 31.73
C ALA B 39 1.88 6.44 32.60
N PRO B 40 2.20 6.53 33.90
CA PRO B 40 1.97 5.37 34.79
C PRO B 40 0.49 5.03 34.91
N GLY B 41 0.10 3.89 34.36
CA GLY B 41 -1.28 3.45 34.41
C GLY B 41 -2.09 3.74 33.17
N LYS B 42 -1.55 4.48 32.21
CA LYS B 42 -2.22 4.80 30.96
C LYS B 42 -1.62 4.00 29.81
N GLU B 43 -2.12 4.27 28.60
CA GLU B 43 -1.74 3.51 27.41
C GLU B 43 -0.75 4.31 26.56
N ARG B 44 -0.28 3.67 25.50
CA ARG B 44 0.69 4.28 24.59
C ARG B 44 0.03 5.40 23.79
N GLU B 45 0.76 6.50 23.61
CA GLU B 45 0.26 7.60 22.78
C GLU B 45 1.40 8.14 21.92
N PHE B 46 1.16 8.22 20.61
CA PHE B 46 2.14 8.76 19.70
C PHE B 46 2.34 10.25 19.96
N VAL B 47 3.59 10.73 19.88
CA VAL B 47 3.93 12.11 20.16
C VAL B 47 4.38 12.85 18.89
N ALA B 48 5.46 12.37 18.28
CA ALA B 48 6.00 13.01 17.08
C ALA B 48 6.63 11.96 16.19
N ALA B 49 6.80 12.30 14.92
CA ALA B 49 7.42 11.40 13.96
C ALA B 49 8.12 12.22 12.89
N SER B 50 9.09 11.59 12.23
CA SER B 50 9.85 12.21 11.16
C SER B 50 9.57 11.45 9.87
N SER B 51 9.14 12.18 8.84
CA SER B 51 8.73 11.62 7.56
C SER B 51 9.02 12.66 6.50
N SER B 52 8.34 12.55 5.35
CA SER B 52 8.43 13.58 4.32
C SER B 52 8.19 14.96 4.91
N ARG B 53 7.25 15.08 5.83
CA ARG B 53 7.02 16.30 6.59
C ARG B 53 6.88 15.96 8.06
N ALA B 54 7.10 16.95 8.91
CA ALA B 54 7.01 16.74 10.34
C ALA B 54 5.58 16.48 10.77
N TYR B 55 5.40 15.53 11.69
CA TYR B 55 4.09 15.17 12.22
C TYR B 55 4.08 15.41 13.73
N TYR B 56 2.92 15.80 14.24
CA TYR B 56 2.77 16.09 15.66
C TYR B 56 1.41 15.61 16.14
N ALA B 57 1.31 15.38 17.45
CA ALA B 57 0.06 15.03 18.09
C ALA B 57 -0.67 16.29 18.53
N ASP B 58 -1.96 16.13 18.83
CA ASP B 58 -2.78 17.28 19.18
C ASP B 58 -2.52 17.77 20.60
N SER B 59 -2.13 16.87 21.51
CA SER B 59 -1.99 17.26 22.91
C SER B 59 -0.75 18.09 23.17
N VAL B 60 0.27 18.02 22.31
CA VAL B 60 1.52 18.73 22.55
C VAL B 60 1.89 19.57 21.32
N LYS B 61 0.90 19.91 20.52
CA LYS B 61 1.15 20.68 19.31
C LYS B 61 1.58 22.11 19.66
N GLY B 62 2.56 22.62 18.94
CA GLY B 62 2.98 24.00 19.05
C GLY B 62 4.01 24.30 20.11
N ARG B 63 4.51 23.29 20.82
CA ARG B 63 5.54 23.52 21.82
C ARG B 63 6.64 22.46 21.84
N PHE B 64 6.63 21.50 20.91
CA PHE B 64 7.66 20.47 20.82
C PHE B 64 8.39 20.60 19.49
N THR B 65 9.66 20.23 19.47
CA THR B 65 10.46 20.28 18.27
C THR B 65 11.15 18.94 18.05
N ILE B 66 11.15 18.47 16.80
CA ILE B 66 11.80 17.23 16.42
C ILE B 66 12.84 17.55 15.35
N SER B 67 14.08 17.13 15.57
CA SER B 67 15.17 17.37 14.65
C SER B 67 15.83 16.06 14.26
N ARG B 68 16.32 15.99 13.03
CA ARG B 68 16.93 14.78 12.50
C ARG B 68 18.31 15.11 11.96
N ASN B 69 19.24 14.18 12.11
CA ASN B 69 20.59 14.30 11.55
C ASN B 69 20.99 12.96 10.99
N ASN B 70 21.14 12.88 9.67
CA ASN B 70 21.53 11.65 9.00
C ASN B 70 23.04 11.45 8.96
N ALA B 71 23.82 12.42 9.42
CA ALA B 71 25.26 12.23 9.46
C ALA B 71 25.64 11.12 10.43
N LYS B 72 24.96 11.03 11.57
CA LYS B 72 25.22 10.01 12.56
C LYS B 72 23.97 9.23 12.96
N ASN B 73 22.87 9.37 12.21
CA ASN B 73 21.62 8.67 12.48
C ASN B 73 21.11 9.00 13.88
N THR B 74 20.77 10.27 14.09
CA THR B 74 20.31 10.76 15.37
C THR B 74 19.00 11.52 15.22
N VAL B 75 18.13 11.39 16.21
CA VAL B 75 16.89 12.15 16.30
C VAL B 75 16.83 12.81 17.67
N TYR B 76 16.58 14.12 17.69
CA TYR B 76 16.56 14.91 18.91
C TYR B 76 15.17 15.46 19.14
N LEU B 77 14.71 15.39 20.39
CA LEU B 77 13.43 15.96 20.80
C LEU B 77 13.69 17.09 21.78
N GLN B 78 13.20 18.28 21.46
CA GLN B 78 13.34 19.46 22.30
C GLN B 78 11.97 19.83 22.85
N MET B 79 11.87 19.92 24.17
CA MET B 79 10.60 20.22 24.83
C MET B 79 10.79 21.48 25.68
N ASN B 80 9.96 22.48 25.41
CA ASN B 80 9.94 23.71 26.19
C ASN B 80 8.51 23.96 26.69
N SER B 81 8.38 24.97 27.55
CA SER B 81 7.13 25.29 28.24
C SER B 81 6.49 24.01 28.79
N LEU B 82 7.25 23.33 29.64
CA LEU B 82 6.82 22.05 30.18
C LEU B 82 5.65 22.23 31.13
N LYS B 83 4.89 21.15 31.31
CA LYS B 83 3.78 21.10 32.25
C LYS B 83 3.92 19.87 33.13
N PRO B 84 3.43 19.94 34.38
CA PRO B 84 3.59 18.79 35.28
C PRO B 84 2.87 17.54 34.82
N GLU B 85 1.89 17.66 33.91
CA GLU B 85 1.12 16.50 33.47
C GLU B 85 1.90 15.59 32.53
N ASP B 86 3.09 15.97 32.09
CA ASP B 86 3.86 15.21 31.12
C ASP B 86 4.86 14.25 31.76
N THR B 87 4.85 14.10 33.09
CA THR B 87 5.73 13.15 33.76
C THR B 87 5.41 11.74 33.31
N ALA B 88 6.31 11.10 32.59
CA ALA B 88 6.00 9.82 31.94
C ALA B 88 7.30 9.15 31.49
N VAL B 89 7.16 8.09 30.70
CA VAL B 89 8.28 7.37 30.10
C VAL B 89 8.10 7.40 28.58
N TYR B 90 9.17 7.72 27.87
CA TYR B 90 9.16 7.92 26.44
C TYR B 90 10.00 6.87 25.74
N TYR B 91 9.51 6.37 24.61
CA TYR B 91 10.20 5.38 23.79
C TYR B 91 10.51 5.95 22.40
N CYS B 92 11.65 5.54 21.87
CA CYS B 92 12.10 5.89 20.53
C CYS B 92 11.83 4.72 19.59
N VAL B 93 11.21 4.99 18.45
CA VAL B 93 10.73 3.95 17.56
C VAL B 93 11.15 4.26 16.12
N ALA B 94 11.19 3.21 15.30
CA ALA B 94 11.61 3.32 13.91
C ALA B 94 10.84 2.32 13.06
N ASP B 95 10.84 2.57 11.75
CA ASP B 95 10.10 1.78 10.78
C ASP B 95 11.03 1.27 9.69
N SER B 96 10.76 0.06 9.18
CA SER B 96 11.62 -0.57 8.19
C SER B 96 10.88 -1.19 7.01
N SER B 97 9.60 -1.51 7.13
CA SER B 97 8.90 -2.27 6.09
C SER B 97 8.77 -1.46 4.81
N PRO B 98 9.10 -2.03 3.65
CA PRO B 98 8.94 -1.29 2.38
C PRO B 98 7.50 -0.89 2.09
N TYR B 99 6.53 -1.72 2.46
CA TYR B 99 5.13 -1.42 2.17
C TYR B 99 4.63 -0.31 3.10
N TYR B 100 3.45 0.21 2.77
CA TYR B 100 2.89 1.32 3.53
C TYR B 100 2.52 0.89 4.95
N ARG B 101 2.86 1.73 5.91
CA ARG B 101 2.49 1.54 7.31
C ARG B 101 1.93 2.84 7.86
N ARG B 102 0.88 2.74 8.67
CA ARG B 102 0.28 3.92 9.27
C ARG B 102 1.23 4.55 10.27
N TYR B 103 1.31 5.88 10.24
CA TYR B 103 2.25 6.58 11.12
C TYR B 103 1.74 6.60 12.56
N ASP B 104 0.42 6.71 12.75
CA ASP B 104 -0.15 6.83 14.08
C ASP B 104 -0.51 5.49 14.70
N ALA B 105 -0.27 4.39 14.02
CA ALA B 105 -0.55 3.06 14.55
C ALA B 105 0.66 2.58 15.33
N ALA B 106 0.45 2.21 16.59
CA ALA B 106 1.55 1.76 17.44
C ALA B 106 2.10 0.41 17.00
N GLN B 107 1.30 -0.41 16.31
CA GLN B 107 1.73 -1.75 15.93
C GLN B 107 2.32 -1.80 14.52
N ASP B 108 2.47 -0.65 13.86
CA ASP B 108 2.98 -0.62 12.50
C ASP B 108 4.48 -0.31 12.44
N TYR B 109 5.15 -0.24 13.58
CA TYR B 109 6.57 0.04 13.66
C TYR B 109 7.31 -1.21 14.12
N ASP B 110 8.38 -1.56 13.41
CA ASP B 110 9.08 -2.81 13.67
C ASP B 110 10.06 -2.70 14.83
N TYR B 111 11.06 -1.83 14.70
CA TYR B 111 12.11 -1.74 15.70
C TYR B 111 11.70 -0.82 16.84
N TRP B 112 12.18 -1.14 18.05
CA TRP B 112 11.83 -0.40 19.24
C TRP B 112 13.07 -0.15 20.08
N GLY B 113 13.02 0.90 20.89
CA GLY B 113 14.10 1.26 21.77
C GLY B 113 13.94 0.67 23.16
N GLN B 114 14.62 1.29 24.12
CA GLN B 114 14.59 0.83 25.50
C GLN B 114 13.62 1.65 26.36
N GLY B 115 13.81 2.96 26.42
CA GLY B 115 12.93 3.81 27.20
C GLY B 115 13.66 4.75 28.12
N THR B 116 13.16 5.99 28.23
CA THR B 116 13.75 6.99 29.12
C THR B 116 12.66 7.63 29.95
N GLN B 117 13.04 8.12 31.13
CA GLN B 117 12.08 8.67 32.08
C GLN B 117 12.20 10.18 32.13
N VAL B 118 11.06 10.88 32.07
CA VAL B 118 11.02 12.32 32.22
C VAL B 118 10.07 12.64 33.38
N THR B 119 10.54 13.42 34.34
CA THR B 119 9.78 13.76 35.52
C THR B 119 9.77 15.28 35.72
N VAL B 120 8.60 15.81 36.05
CA VAL B 120 8.40 17.25 36.24
C VAL B 120 7.90 17.48 37.65
N SER B 121 8.54 18.39 38.37
CA SER B 121 8.17 18.72 39.74
C SER B 121 7.41 20.05 39.79
N SER B 122 6.64 20.22 40.84
CA SER B 122 5.86 21.44 41.04
C SER B 122 6.72 22.56 41.60
N VAL C 1 -22.59 -4.80 -8.00
CA VAL C 1 -22.87 -5.74 -6.92
C VAL C 1 -23.36 -7.07 -7.49
N GLN C 2 -23.64 -7.09 -8.79
CA GLN C 2 -24.11 -8.28 -9.47
C GLN C 2 -23.35 -8.47 -10.77
N LEU C 3 -22.93 -9.70 -11.03
CA LEU C 3 -22.22 -10.06 -12.24
C LEU C 3 -22.91 -11.23 -12.92
N GLN C 4 -23.01 -11.17 -14.24
CA GLN C 4 -23.68 -12.19 -15.04
C GLN C 4 -22.71 -12.78 -16.04
N GLU C 5 -22.84 -14.08 -16.30
CA GLU C 5 -21.94 -14.82 -17.16
C GLU C 5 -22.70 -15.43 -18.33
N SER C 6 -22.02 -15.53 -19.48
CA SER C 6 -22.63 -16.15 -20.64
C SER C 6 -21.53 -16.75 -21.52
N GLY C 7 -21.89 -17.82 -22.23
CA GLY C 7 -21.02 -18.41 -23.25
C GLY C 7 -20.53 -19.81 -22.96
N GLY C 8 -20.79 -20.37 -21.78
CA GLY C 8 -20.26 -21.69 -21.46
C GLY C 8 -20.93 -22.80 -22.23
N GLY C 9 -20.33 -23.98 -22.14
CA GLY C 9 -20.90 -25.14 -22.81
C GLY C 9 -19.83 -26.19 -23.09
N LEU C 10 -20.18 -27.11 -23.99
CA LEU C 10 -19.31 -28.21 -24.39
C LEU C 10 -19.08 -28.14 -25.89
N VAL C 11 -17.80 -28.22 -26.29
CA VAL C 11 -17.40 -28.12 -27.68
C VAL C 11 -16.33 -29.17 -27.95
N GLN C 12 -15.80 -29.17 -29.16
CA GLN C 12 -14.75 -30.09 -29.58
C GLN C 12 -13.38 -29.45 -29.40
N ALA C 13 -12.34 -30.28 -29.54
CA ALA C 13 -10.97 -29.81 -29.39
C ALA C 13 -10.51 -29.10 -30.66
N GLY C 14 -9.80 -27.98 -30.48
CA GLY C 14 -9.29 -27.21 -31.58
C GLY C 14 -10.15 -26.05 -32.02
N ASP C 15 -11.39 -25.97 -31.55
CA ASP C 15 -12.29 -24.89 -31.93
C ASP C 15 -11.96 -23.65 -31.09
N SER C 16 -12.80 -22.62 -31.19
CA SER C 16 -12.60 -21.37 -30.46
C SER C 16 -13.91 -20.93 -29.82
N LEU C 17 -13.81 -20.45 -28.58
CA LEU C 17 -14.96 -20.01 -27.81
C LEU C 17 -14.78 -18.57 -27.35
N ARG C 18 -15.90 -17.96 -26.96
CA ARG C 18 -15.93 -16.58 -26.51
C ARG C 18 -16.94 -16.46 -25.37
N LEU C 19 -16.46 -16.05 -24.20
CA LEU C 19 -17.30 -15.93 -23.01
C LEU C 19 -17.37 -14.47 -22.58
N SER C 20 -18.49 -14.11 -21.95
CA SER C 20 -18.74 -12.73 -21.55
C SER C 20 -19.14 -12.66 -20.08
N CYS C 21 -18.67 -11.63 -19.40
CA CYS C 21 -19.02 -11.35 -18.01
C CYS C 21 -19.37 -9.88 -17.89
N ALA C 22 -20.60 -9.60 -17.48
CA ALA C 22 -21.13 -8.24 -17.45
C ALA C 22 -21.47 -7.85 -16.01
N ALA C 23 -21.07 -6.64 -15.62
CA ALA C 23 -21.35 -6.12 -14.28
C ALA C 23 -22.59 -5.24 -14.35
N SER C 24 -23.68 -5.71 -13.75
CA SER C 24 -24.97 -5.02 -13.83
C SER C 24 -25.37 -4.35 -12.52
N GLY C 25 -24.51 -4.37 -11.52
CA GLY C 25 -24.85 -3.78 -10.23
C GLY C 25 -24.80 -2.28 -10.23
N ARG C 26 -23.63 -1.71 -10.52
CA ARG C 26 -23.43 -0.27 -10.51
C ARG C 26 -22.18 0.03 -11.35
N THR C 27 -21.69 1.26 -11.25
CA THR C 27 -20.52 1.67 -12.01
C THR C 27 -19.29 0.88 -11.55
N PHE C 28 -18.64 0.21 -12.49
CA PHE C 28 -17.47 -0.61 -12.20
C PHE C 28 -16.26 -0.17 -13.01
N SER C 29 -16.29 1.03 -13.59
CA SER C 29 -15.18 1.50 -14.41
C SER C 29 -13.90 1.68 -13.62
N THR C 30 -13.99 1.83 -12.30
CA THR C 30 -12.83 1.96 -11.44
C THR C 30 -12.45 0.65 -10.76
N TYR C 31 -13.05 -0.46 -11.20
CA TYR C 31 -12.86 -1.75 -10.54
C TYR C 31 -12.09 -2.69 -11.45
N PRO C 32 -10.90 -3.15 -11.07
CA PRO C 32 -10.20 -4.16 -11.87
C PRO C 32 -10.98 -5.46 -11.91
N MET C 33 -10.83 -6.19 -13.01
CA MET C 33 -11.55 -7.43 -13.22
C MET C 33 -10.58 -8.54 -13.63
N GLY C 34 -11.06 -9.78 -13.58
CA GLY C 34 -10.21 -10.90 -13.92
C GLY C 34 -10.98 -12.20 -13.97
N TRP C 35 -10.27 -13.26 -14.32
CA TRP C 35 -10.85 -14.59 -14.48
C TRP C 35 -10.03 -15.64 -13.71
N PHE C 36 -10.73 -16.54 -13.03
CA PHE C 36 -10.11 -17.65 -12.34
C PHE C 36 -10.70 -18.95 -12.88
N ARG C 37 -9.97 -20.05 -12.73
CA ARG C 37 -10.42 -21.33 -13.23
C ARG C 37 -10.12 -22.43 -12.22
N GLN C 38 -10.90 -23.50 -12.30
CA GLN C 38 -10.73 -24.64 -11.40
C GLN C 38 -11.19 -25.91 -12.10
N ALA C 39 -10.32 -26.91 -12.11
CA ALA C 39 -10.61 -28.24 -12.62
C ALA C 39 -11.26 -29.10 -11.55
N PRO C 40 -11.97 -30.16 -11.94
CA PRO C 40 -12.58 -31.03 -10.92
C PRO C 40 -11.53 -31.73 -10.07
N GLY C 41 -11.46 -31.36 -8.79
CA GLY C 41 -10.49 -31.94 -7.89
C GLY C 41 -9.19 -31.18 -7.74
N LYS C 42 -9.10 -29.96 -8.25
CA LYS C 42 -7.90 -29.15 -8.16
C LYS C 42 -8.23 -27.84 -7.43
N GLU C 43 -7.24 -26.96 -7.37
CA GLU C 43 -7.36 -25.68 -6.67
C GLU C 43 -7.55 -24.54 -7.67
N ARG C 44 -7.87 -23.37 -7.13
CA ARG C 44 -8.11 -22.19 -7.96
C ARG C 44 -6.82 -21.73 -8.61
N GLU C 45 -6.90 -21.31 -9.88
CA GLU C 45 -5.75 -20.78 -10.59
C GLU C 45 -6.18 -19.55 -11.38
N PHE C 46 -5.43 -18.47 -11.22
CA PHE C 46 -5.71 -17.25 -11.97
C PHE C 46 -5.35 -17.43 -13.43
N VAL C 47 -6.18 -16.87 -14.32
CA VAL C 47 -5.99 -17.01 -15.77
C VAL C 47 -5.62 -15.67 -16.41
N ALA C 48 -6.45 -14.65 -16.22
CA ALA C 48 -6.19 -13.35 -16.81
C ALA C 48 -6.74 -12.27 -15.90
N ALA C 49 -6.27 -11.04 -16.11
CA ALA C 49 -6.73 -9.91 -15.33
C ALA C 49 -6.61 -8.64 -16.17
N SER C 50 -7.47 -7.67 -15.88
CA SER C 50 -7.46 -6.38 -16.54
C SER C 50 -7.04 -5.31 -15.54
N SER C 51 -5.97 -4.59 -15.87
CA SER C 51 -5.37 -3.61 -14.99
C SER C 51 -4.71 -2.54 -15.87
N SER C 52 -3.76 -1.79 -15.30
CA SER C 52 -3.00 -0.84 -16.10
C SER C 52 -2.42 -1.49 -17.35
N ARG C 53 -1.92 -2.72 -17.21
CA ARG C 53 -1.50 -3.52 -18.35
C ARG C 53 -2.01 -4.95 -18.18
N ALA C 54 -2.17 -5.64 -19.29
CA ALA C 54 -2.72 -6.99 -19.25
C ALA C 54 -1.77 -7.95 -18.55
N TYR C 55 -2.32 -8.77 -17.67
CA TYR C 55 -1.57 -9.78 -16.93
C TYR C 55 -2.09 -11.15 -17.30
N TYR C 56 -1.18 -12.11 -17.48
CA TYR C 56 -1.54 -13.43 -17.99
C TYR C 56 -0.85 -14.51 -17.17
N ALA C 57 -1.48 -15.68 -17.13
CA ALA C 57 -0.89 -16.83 -16.47
C ALA C 57 0.16 -17.48 -17.36
N ASP C 58 1.00 -18.30 -16.74
CA ASP C 58 2.10 -18.92 -17.46
C ASP C 58 1.65 -20.08 -18.35
N SER C 59 0.59 -20.79 -17.94
CA SER C 59 0.20 -21.99 -18.65
C SER C 59 -0.73 -21.73 -19.83
N VAL C 60 -1.19 -20.49 -20.02
CA VAL C 60 -2.12 -20.19 -21.10
C VAL C 60 -1.65 -18.97 -21.88
N LYS C 61 -0.37 -18.61 -21.72
CA LYS C 61 0.16 -17.43 -22.38
C LYS C 61 0.24 -17.64 -23.89
N GLY C 62 -0.01 -16.58 -24.64
CA GLY C 62 0.15 -16.59 -26.08
C GLY C 62 -1.04 -17.10 -26.87
N ARG C 63 -2.11 -17.53 -26.21
CA ARG C 63 -3.28 -18.02 -26.92
C ARG C 63 -4.57 -17.30 -26.53
N PHE C 64 -4.74 -16.97 -25.26
CA PHE C 64 -5.97 -16.35 -24.80
C PHE C 64 -5.97 -14.85 -25.09
N THR C 65 -7.17 -14.28 -25.21
CA THR C 65 -7.34 -12.85 -25.42
C THR C 65 -8.36 -12.31 -24.42
N ILE C 66 -8.05 -11.18 -23.82
CA ILE C 66 -8.93 -10.53 -22.85
C ILE C 66 -9.28 -9.15 -23.38
N SER C 67 -10.57 -8.82 -23.36
CA SER C 67 -11.06 -7.54 -23.86
C SER C 67 -11.97 -6.90 -22.82
N ARG C 68 -11.91 -5.58 -22.74
CA ARG C 68 -12.69 -4.82 -21.77
C ARG C 68 -13.45 -3.72 -22.48
N ASN C 69 -14.73 -3.57 -22.16
CA ASN C 69 -15.56 -2.50 -22.70
C ASN C 69 -16.26 -1.80 -21.54
N ASN C 70 -15.96 -0.52 -21.37
CA ASN C 70 -16.52 0.28 -20.29
C ASN C 70 -17.88 0.87 -20.64
N ALA C 71 -18.34 0.70 -21.87
CA ALA C 71 -19.66 1.21 -22.24
C ALA C 71 -20.76 0.51 -21.44
N LYS C 72 -20.64 -0.81 -21.27
CA LYS C 72 -21.61 -1.59 -20.50
C LYS C 72 -20.97 -2.35 -19.35
N ASN C 73 -19.70 -2.07 -19.03
CA ASN C 73 -18.96 -2.76 -17.97
C ASN C 73 -18.90 -4.27 -18.23
N THR C 74 -18.30 -4.61 -19.36
CA THR C 74 -18.23 -6.00 -19.80
C THR C 74 -16.77 -6.40 -20.02
N VAL C 75 -16.48 -7.67 -19.71
CA VAL C 75 -15.18 -8.26 -19.96
C VAL C 75 -15.39 -9.55 -20.74
N TYR C 76 -14.68 -9.69 -21.86
CA TYR C 76 -14.81 -10.84 -22.75
C TYR C 76 -13.50 -11.62 -22.78
N LEU C 77 -13.62 -12.94 -22.76
CA LEU C 77 -12.48 -13.84 -22.87
C LEU C 77 -12.64 -14.66 -24.13
N GLN C 78 -11.65 -14.58 -25.02
CA GLN C 78 -11.64 -15.32 -26.27
C GLN C 78 -10.54 -16.38 -26.20
N MET C 79 -10.92 -17.63 -26.42
CA MET C 79 -9.99 -18.75 -26.34
C MET C 79 -9.95 -19.47 -27.68
N ASN C 80 -8.74 -19.65 -28.21
CA ASN C 80 -8.54 -20.38 -29.46
C ASN C 80 -7.41 -21.37 -29.27
N SER C 81 -7.25 -22.27 -30.24
CA SER C 81 -6.28 -23.37 -30.17
C SER C 81 -6.42 -24.13 -28.86
N LEU C 82 -7.67 -24.41 -28.49
CA LEU C 82 -7.96 -24.98 -27.19
C LEU C 82 -7.47 -26.42 -27.10
N LYS C 83 -6.89 -26.76 -25.94
CA LYS C 83 -6.44 -28.11 -25.64
C LYS C 83 -7.47 -28.84 -24.79
N PRO C 84 -7.55 -30.16 -24.90
CA PRO C 84 -8.57 -30.91 -24.12
C PRO C 84 -8.37 -30.83 -22.62
N GLU C 85 -7.18 -30.46 -22.15
CA GLU C 85 -6.88 -30.43 -20.72
C GLU C 85 -7.40 -29.17 -20.03
N ASP C 86 -8.29 -28.41 -20.67
CA ASP C 86 -8.82 -27.18 -20.08
C ASP C 86 -10.28 -27.30 -19.68
N THR C 87 -10.84 -28.50 -19.67
CA THR C 87 -12.21 -28.70 -19.22
C THR C 87 -12.31 -28.39 -17.73
N ALA C 88 -13.08 -27.37 -17.38
CA ALA C 88 -13.08 -26.86 -16.01
C ALA C 88 -14.27 -25.93 -15.80
N VAL C 89 -14.28 -25.24 -14.67
CA VAL C 89 -15.28 -24.24 -14.34
C VAL C 89 -14.57 -22.91 -14.10
N TYR C 90 -15.08 -21.85 -14.70
CA TYR C 90 -14.44 -20.54 -14.71
C TYR C 90 -15.30 -19.53 -13.99
N TYR C 91 -14.66 -18.68 -13.18
CA TYR C 91 -15.32 -17.61 -12.44
C TYR C 91 -14.80 -16.24 -12.88
N CYS C 92 -15.69 -15.26 -12.82
CA CYS C 92 -15.39 -13.86 -13.08
C CYS C 92 -15.25 -13.14 -11.76
N VAL C 93 -14.22 -12.30 -11.63
CA VAL C 93 -13.89 -11.67 -10.36
C VAL C 93 -13.62 -10.19 -10.57
N ALA C 94 -13.82 -9.40 -9.51
CA ALA C 94 -13.63 -7.96 -9.56
C ALA C 94 -13.10 -7.48 -8.21
N ASP C 95 -12.48 -6.30 -8.23
CA ASP C 95 -11.86 -5.71 -7.05
C ASP C 95 -12.41 -4.31 -6.81
N SER C 96 -12.47 -3.92 -5.54
CA SER C 96 -13.03 -2.61 -5.18
C SER C 96 -12.23 -1.84 -4.13
N SER C 97 -11.29 -2.45 -3.43
CA SER C 97 -10.62 -1.77 -2.33
C SER C 97 -9.73 -0.64 -2.86
N PRO C 98 -9.58 0.44 -2.09
CA PRO C 98 -8.71 1.55 -2.52
C PRO C 98 -7.24 1.26 -2.28
N TYR C 99 -6.94 0.51 -1.22
CA TYR C 99 -5.56 0.16 -0.92
C TYR C 99 -5.07 -0.92 -1.88
N TYR C 100 -3.76 -1.15 -1.86
CA TYR C 100 -3.15 -2.09 -2.78
C TYR C 100 -3.59 -3.52 -2.51
N ARG C 101 -3.96 -4.22 -3.58
CA ARG C 101 -4.30 -5.63 -3.54
C ARG C 101 -3.47 -6.38 -4.57
N ARG C 102 -2.94 -7.54 -4.17
CA ARG C 102 -2.15 -8.36 -5.08
C ARG C 102 -3.05 -8.92 -6.19
N TYR C 103 -2.55 -8.84 -7.42
CA TYR C 103 -3.37 -9.25 -8.57
C TYR C 103 -3.50 -10.77 -8.66
N ASP C 104 -2.45 -11.49 -8.30
CA ASP C 104 -2.45 -12.95 -8.39
C ASP C 104 -2.92 -13.64 -7.12
N ALA C 105 -3.31 -12.89 -6.10
CA ALA C 105 -3.77 -13.48 -4.85
C ALA C 105 -5.26 -13.76 -4.95
N ALA C 106 -5.63 -15.02 -4.70
CA ALA C 106 -7.04 -15.41 -4.81
C ALA C 106 -7.89 -14.79 -3.71
N GLN C 107 -7.28 -14.48 -2.57
CA GLN C 107 -8.01 -13.97 -1.41
C GLN C 107 -8.06 -12.46 -1.35
N ASP C 108 -7.50 -11.76 -2.33
CA ASP C 108 -7.46 -10.31 -2.30
C ASP C 108 -8.66 -9.66 -2.99
N TYR C 109 -9.39 -10.39 -3.82
CA TYR C 109 -10.58 -9.87 -4.45
C TYR C 109 -11.80 -10.13 -3.58
N ASP C 110 -12.82 -9.28 -3.72
CA ASP C 110 -13.97 -9.30 -2.83
C ASP C 110 -15.31 -9.51 -3.52
N TYR C 111 -15.39 -9.42 -4.84
CA TYR C 111 -16.63 -9.63 -5.57
C TYR C 111 -16.49 -10.84 -6.49
N TRP C 112 -17.47 -11.73 -6.46
CA TRP C 112 -17.41 -12.99 -7.19
C TRP C 112 -18.72 -13.25 -7.91
N GLY C 113 -18.64 -14.06 -8.96
CA GLY C 113 -19.79 -14.45 -9.74
C GLY C 113 -20.12 -15.92 -9.59
N GLN C 114 -21.18 -16.32 -10.28
CA GLN C 114 -21.65 -17.71 -10.18
C GLN C 114 -20.68 -18.66 -10.87
N GLY C 115 -20.25 -18.33 -12.08
CA GLY C 115 -19.33 -19.16 -12.81
C GLY C 115 -20.02 -19.96 -13.91
N THR C 116 -19.21 -20.41 -14.86
CA THR C 116 -19.71 -21.20 -15.99
C THR C 116 -18.83 -22.42 -16.19
N GLN C 117 -19.33 -23.37 -16.98
CA GLN C 117 -18.66 -24.62 -17.26
C GLN C 117 -18.17 -24.62 -18.69
N VAL C 118 -16.91 -25.02 -18.90
CA VAL C 118 -16.34 -25.19 -20.23
C VAL C 118 -15.86 -26.64 -20.34
N THR C 119 -16.30 -27.33 -21.38
CA THR C 119 -15.96 -28.73 -21.61
C THR C 119 -15.49 -28.91 -23.04
N VAL C 120 -14.44 -29.71 -23.21
CA VAL C 120 -13.86 -29.99 -24.53
C VAL C 120 -13.79 -31.50 -24.71
N SER C 121 -14.33 -31.98 -25.81
CA SER C 121 -14.32 -33.40 -26.12
C SER C 121 -13.07 -33.76 -26.91
N SER C 122 -12.79 -35.06 -26.97
CA SER C 122 -11.62 -35.55 -27.69
C SER C 122 -11.84 -35.49 -29.20
N MET D 1 24.21 -16.82 13.19
CA MET D 1 23.36 -15.82 12.57
C MET D 1 24.10 -15.08 11.46
N THR D 2 25.43 -15.05 11.56
CA THR D 2 26.29 -14.39 10.58
C THR D 2 27.47 -15.32 10.31
N GLU D 3 27.34 -16.15 9.28
CA GLU D 3 28.35 -17.12 8.90
C GLU D 3 28.70 -16.96 7.43
N TYR D 4 30.00 -17.02 7.14
CA TYR D 4 30.49 -16.91 5.77
C TYR D 4 31.42 -18.08 5.49
N LYS D 5 31.36 -18.60 4.25
CA LYS D 5 32.14 -19.75 3.84
C LYS D 5 33.06 -19.34 2.70
N LEU D 6 34.34 -19.69 2.84
CA LEU D 6 35.37 -19.30 1.89
C LEU D 6 36.16 -20.52 1.46
N VAL D 7 36.60 -20.51 0.21
CA VAL D 7 37.36 -21.60 -0.39
C VAL D 7 38.67 -21.03 -0.91
N VAL D 8 39.78 -21.68 -0.55
CA VAL D 8 41.12 -21.27 -0.94
C VAL D 8 41.62 -22.21 -2.02
N VAL D 9 41.92 -21.66 -3.19
CA VAL D 9 42.39 -22.40 -4.35
C VAL D 9 43.76 -21.84 -4.75
N GLY D 10 44.66 -22.74 -5.13
CA GLY D 10 46.02 -22.35 -5.52
C GLY D 10 46.61 -23.32 -6.50
N ALA D 11 47.85 -23.72 -6.25
CA ALA D 11 48.55 -24.68 -7.08
C ALA D 11 49.48 -25.49 -6.18
N CYS D 12 50.42 -26.20 -6.79
CA CYS D 12 51.35 -27.03 -6.04
C CYS D 12 52.54 -26.20 -5.57
N GLY D 13 52.81 -26.25 -4.27
CA GLY D 13 53.97 -25.55 -3.71
C GLY D 13 53.91 -24.05 -3.82
N VAL D 14 52.75 -23.46 -3.59
CA VAL D 14 52.59 -22.01 -3.65
C VAL D 14 52.01 -21.49 -2.34
N GLY D 15 52.25 -22.22 -1.25
CA GLY D 15 51.73 -21.84 0.04
C GLY D 15 50.42 -22.48 0.44
N LYS D 16 49.99 -23.52 -0.26
CA LYS D 16 48.76 -24.22 0.12
C LYS D 16 48.93 -24.91 1.47
N SER D 17 47.83 -24.96 2.22
CA SER D 17 47.76 -25.58 3.54
C SER D 17 48.70 -24.93 4.55
N ALA D 18 49.22 -23.75 4.25
CA ALA D 18 50.11 -23.03 5.16
C ALA D 18 49.55 -21.71 5.62
N LEU D 19 48.54 -21.16 4.96
CA LEU D 19 47.93 -19.92 5.40
C LEU D 19 46.78 -20.16 6.38
N THR D 20 45.96 -21.18 6.13
CA THR D 20 44.83 -21.44 7.01
C THR D 20 45.30 -21.86 8.39
N ILE D 21 46.32 -22.72 8.47
CA ILE D 21 46.81 -23.16 9.76
C ILE D 21 47.40 -21.99 10.55
N GLN D 22 48.16 -21.12 9.88
CA GLN D 22 48.71 -19.95 10.55
C GLN D 22 47.62 -19.01 11.03
N LEU D 23 46.57 -18.84 10.22
CA LEU D 23 45.46 -17.98 10.64
C LEU D 23 44.72 -18.55 11.84
N ILE D 24 44.50 -19.87 11.86
CA ILE D 24 43.67 -20.47 12.90
C ILE D 24 44.48 -20.71 14.17
N GLN D 25 45.50 -21.56 14.09
CA GLN D 25 46.21 -22.02 15.28
C GLN D 25 47.40 -21.16 15.64
N ASN D 26 47.75 -20.17 14.82
CA ASN D 26 48.85 -19.25 15.10
C ASN D 26 50.19 -19.98 15.23
N HIS D 27 50.33 -21.11 14.54
CA HIS D 27 51.57 -21.88 14.57
C HIS D 27 51.94 -22.28 13.15
N PHE D 28 53.23 -22.48 12.93
CA PHE D 28 53.77 -22.76 11.61
C PHE D 28 54.37 -24.15 11.58
N VAL D 29 54.21 -24.83 10.44
CA VAL D 29 54.85 -26.12 10.18
C VAL D 29 55.68 -26.00 8.91
N ASP D 30 56.87 -26.59 8.94
CA ASP D 30 57.77 -26.51 7.80
C ASP D 30 57.33 -27.43 6.67
N GLU D 31 56.82 -28.62 7.00
CA GLU D 31 56.39 -29.60 6.02
C GLU D 31 55.02 -30.15 6.42
N TYR D 32 54.14 -30.28 5.42
CA TYR D 32 52.82 -30.85 5.63
C TYR D 32 52.45 -31.71 4.43
N ASP D 33 51.72 -32.79 4.69
CA ASP D 33 51.32 -33.70 3.62
C ASP D 33 50.19 -33.09 2.81
N PRO D 34 50.35 -32.92 1.50
CA PRO D 34 49.29 -32.30 0.70
C PRO D 34 48.02 -33.13 0.60
N THR D 35 48.08 -34.43 0.90
CA THR D 35 46.91 -35.29 0.76
C THR D 35 45.81 -34.95 1.77
N ILE D 36 46.14 -34.23 2.83
CA ILE D 36 45.17 -33.91 3.86
C ILE D 36 44.27 -32.79 3.36
N GLU D 37 42.96 -33.01 3.42
CA GLU D 37 41.96 -32.00 3.09
C GLU D 37 40.98 -31.90 4.24
N ASP D 38 40.95 -30.75 4.89
CA ASP D 38 40.11 -30.54 6.07
C ASP D 38 39.54 -29.13 6.04
N SER D 39 38.46 -28.96 6.81
CA SER D 39 37.77 -27.68 6.94
C SER D 39 37.97 -27.11 8.32
N TYR D 40 38.06 -25.79 8.40
CA TYR D 40 38.31 -25.10 9.67
C TYR D 40 37.19 -24.12 9.97
N ARG D 41 36.91 -23.94 11.26
CA ARG D 41 35.90 -23.00 11.73
C ARG D 41 36.54 -22.04 12.73
N LYS D 42 36.20 -20.76 12.62
CA LYS D 42 36.72 -19.79 13.57
C LYS D 42 35.80 -18.59 13.67
N GLN D 43 35.66 -18.06 14.89
CA GLN D 43 34.93 -16.83 15.12
C GLN D 43 35.88 -15.66 15.05
N VAL D 44 35.37 -14.52 14.57
CA VAL D 44 36.14 -13.30 14.45
C VAL D 44 35.26 -12.12 14.84
N VAL D 45 35.89 -10.97 15.04
CA VAL D 45 35.21 -9.70 15.28
C VAL D 45 35.71 -8.71 14.24
N ILE D 46 34.86 -8.37 13.28
CA ILE D 46 35.21 -7.47 12.19
C ILE D 46 34.27 -6.28 12.23
N ASP D 47 34.84 -5.08 12.24
CA ASP D 47 34.08 -3.83 12.25
C ASP D 47 33.11 -3.77 13.43
N GLY D 48 33.53 -4.33 14.56
CA GLY D 48 32.73 -4.31 15.77
C GLY D 48 31.60 -5.32 15.80
N GLU D 49 31.48 -6.18 14.80
CA GLU D 49 30.42 -7.16 14.73
C GLU D 49 31.04 -8.55 14.63
N THR D 50 30.61 -9.48 15.47
CA THR D 50 31.15 -10.82 15.43
C THR D 50 30.61 -11.58 14.23
N CYS D 51 31.43 -12.52 13.75
CA CYS D 51 31.11 -13.30 12.55
C CYS D 51 31.76 -14.67 12.68
N LEU D 52 31.24 -15.62 11.90
CA LEU D 52 31.78 -16.96 11.83
C LEU D 52 32.35 -17.20 10.44
N LEU D 53 33.54 -17.81 10.38
CA LEU D 53 34.20 -18.11 9.12
C LEU D 53 34.44 -19.61 9.03
N ASP D 54 33.99 -20.20 7.92
CA ASP D 54 34.34 -21.56 7.55
C ASP D 54 35.32 -21.49 6.38
N ILE D 55 36.44 -22.19 6.51
CA ILE D 55 37.51 -22.16 5.54
C ILE D 55 37.70 -23.57 4.98
N LEU D 56 37.65 -23.69 3.66
CA LEU D 56 37.88 -24.96 2.98
C LEU D 56 39.04 -24.79 2.01
N ASP D 57 40.05 -25.65 2.14
CA ASP D 57 41.25 -25.59 1.34
C ASP D 57 41.13 -26.65 0.24
N THR D 58 41.28 -26.23 -1.01
CA THR D 58 41.22 -27.19 -2.12
C THR D 58 42.49 -28.02 -2.14
N ALA D 59 42.35 -29.34 -1.93
CA ALA D 59 43.48 -30.24 -1.86
C ALA D 59 43.04 -31.60 -2.39
N GLY D 60 43.84 -32.62 -2.10
CA GLY D 60 43.54 -33.96 -2.55
C GLY D 60 44.01 -34.22 -3.96
N GLN D 61 43.63 -35.40 -4.47
CA GLN D 61 44.01 -35.79 -5.81
C GLN D 61 43.08 -35.16 -6.84
N GLU D 62 43.45 -35.32 -8.12
CA GLU D 62 42.69 -34.73 -9.21
C GLU D 62 41.35 -35.45 -9.34
N GLU D 63 40.26 -34.69 -9.23
CA GLU D 63 38.91 -35.25 -9.27
C GLU D 63 38.05 -34.42 -10.21
N TYR D 64 37.16 -35.11 -10.94
CA TYR D 64 36.21 -34.45 -11.83
C TYR D 64 34.80 -35.01 -11.71
N SER D 65 34.53 -35.83 -10.71
CA SER D 65 33.21 -36.41 -10.54
C SER D 65 32.18 -35.34 -10.19
N ALA D 66 30.94 -35.57 -10.62
CA ALA D 66 29.87 -34.59 -10.39
C ALA D 66 29.53 -34.44 -8.92
N MET D 67 29.75 -35.49 -8.12
CA MET D 67 29.41 -35.41 -6.70
C MET D 67 30.31 -34.41 -5.99
N ARG D 68 31.57 -34.28 -6.43
CA ARG D 68 32.47 -33.31 -5.83
C ARG D 68 31.94 -31.89 -5.99
N ASP D 69 31.59 -31.51 -7.22
CA ASP D 69 31.06 -30.18 -7.45
C ASP D 69 29.64 -30.01 -6.90
N GLN D 70 28.91 -31.11 -6.69
CA GLN D 70 27.61 -31.00 -6.03
C GLN D 70 27.76 -30.68 -4.55
N TYR D 71 28.69 -31.36 -3.88
CA TYR D 71 29.00 -31.01 -2.49
C TYR D 71 29.63 -29.63 -2.40
N MET D 72 30.34 -29.21 -3.45
CA MET D 72 30.96 -27.89 -3.48
C MET D 72 29.98 -26.91 -4.12
N ARG D 73 30.45 -25.70 -4.43
CA ARG D 73 29.71 -24.50 -4.82
C ARG D 73 28.90 -23.92 -3.68
N THR D 74 28.93 -24.55 -2.49
CA THR D 74 28.32 -23.94 -1.31
C THR D 74 29.11 -22.74 -0.81
N GLY D 75 30.33 -22.54 -1.31
CA GLY D 75 31.12 -21.42 -0.86
C GLY D 75 30.56 -20.10 -1.35
N GLU D 76 30.79 -19.05 -0.54
CA GLU D 76 30.38 -17.71 -0.90
C GLU D 76 31.55 -16.79 -1.22
N GLY D 77 32.76 -17.13 -0.76
CA GLY D 77 33.95 -16.35 -1.09
C GLY D 77 35.05 -17.23 -1.62
N PHE D 78 35.86 -16.68 -2.52
CA PHE D 78 36.95 -17.43 -3.12
C PHE D 78 38.24 -16.63 -3.05
N LEU D 79 39.30 -17.30 -2.59
CA LEU D 79 40.63 -16.71 -2.48
C LEU D 79 41.60 -17.57 -3.28
N CYS D 80 42.25 -16.96 -4.27
CA CYS D 80 43.20 -17.67 -5.12
C CYS D 80 44.62 -17.21 -4.82
N VAL D 81 45.50 -18.17 -4.58
CA VAL D 81 46.85 -17.87 -4.09
C VAL D 81 47.86 -18.15 -5.20
N PHE D 82 48.98 -17.42 -5.15
CA PHE D 82 50.05 -17.60 -6.12
C PHE D 82 51.35 -17.05 -5.53
N ALA D 83 52.47 -17.49 -6.10
CA ALA D 83 53.79 -17.04 -5.73
C ALA D 83 54.41 -16.25 -6.88
N ILE D 84 55.63 -15.77 -6.66
CA ILE D 84 56.29 -14.90 -7.62
C ILE D 84 57.31 -15.66 -8.46
N ASN D 85 57.16 -16.98 -8.59
CA ASN D 85 58.13 -17.78 -9.32
C ASN D 85 57.52 -18.89 -10.19
N ASN D 86 56.21 -18.97 -10.31
CA ASN D 86 55.57 -20.04 -11.09
C ASN D 86 54.59 -19.47 -12.12
N THR D 87 55.06 -19.30 -13.36
CA THR D 87 54.14 -19.04 -14.45
C THR D 87 53.16 -20.19 -14.60
N LYS D 88 53.56 -21.39 -14.22
CA LYS D 88 52.62 -22.51 -14.20
C LYS D 88 51.48 -22.26 -13.22
N SER D 89 51.79 -21.72 -12.04
CA SER D 89 50.73 -21.40 -11.10
C SER D 89 49.88 -20.23 -11.60
N PHE D 90 50.50 -19.28 -12.30
CA PHE D 90 49.72 -18.22 -12.95
C PHE D 90 48.68 -18.81 -13.91
N GLU D 91 49.12 -19.69 -14.79
CA GLU D 91 48.21 -20.28 -15.77
C GLU D 91 47.17 -21.15 -15.08
N ASP D 92 47.56 -21.87 -14.02
CA ASP D 92 46.60 -22.68 -13.28
C ASP D 92 45.52 -21.82 -12.64
N ILE D 93 45.92 -20.67 -12.07
CA ILE D 93 44.94 -19.76 -11.49
C ILE D 93 43.99 -19.23 -12.56
N HIS D 94 44.53 -18.87 -13.72
CA HIS D 94 43.68 -18.38 -14.80
C HIS D 94 42.67 -19.44 -15.23
N HIS D 95 43.14 -20.68 -15.39
CA HIS D 95 42.24 -21.76 -15.80
C HIS D 95 41.19 -22.05 -14.74
N TYR D 96 41.59 -22.04 -13.47
CA TYR D 96 40.65 -22.28 -12.39
C TYR D 96 39.57 -21.22 -12.35
N ARG D 97 39.95 -19.94 -12.53
CA ARG D 97 38.96 -18.88 -12.56
C ARG D 97 38.02 -19.05 -13.75
N GLU D 98 38.57 -19.37 -14.91
CA GLU D 98 37.74 -19.56 -16.10
C GLU D 98 36.73 -20.70 -15.88
N GLN D 99 37.15 -21.75 -15.17
CA GLN D 99 36.24 -22.86 -14.95
C GLN D 99 35.20 -22.54 -13.88
N ILE D 100 35.57 -21.83 -12.81
CA ILE D 100 34.60 -21.57 -11.75
C ILE D 100 33.55 -20.59 -12.24
N LYS D 101 33.94 -19.66 -13.13
CA LYS D 101 32.96 -18.77 -13.75
C LYS D 101 31.78 -19.56 -14.30
N ARG D 102 32.05 -20.49 -15.22
CA ARG D 102 30.97 -21.24 -15.85
C ARG D 102 30.35 -22.27 -14.91
N VAL D 103 31.11 -22.77 -13.93
CA VAL D 103 30.56 -23.75 -13.00
C VAL D 103 29.51 -23.10 -12.10
N LYS D 104 29.82 -21.92 -11.55
CA LYS D 104 28.87 -21.21 -10.71
C LYS D 104 27.75 -20.60 -11.52
N ASP D 105 28.02 -20.20 -12.77
CA ASP D 105 27.07 -19.57 -13.67
C ASP D 105 26.61 -18.20 -13.17
N SER D 106 27.25 -17.66 -12.14
CA SER D 106 26.96 -16.32 -11.66
C SER D 106 27.92 -15.34 -12.30
N GLU D 107 27.40 -14.17 -12.68
CA GLU D 107 28.19 -13.20 -13.43
C GLU D 107 29.43 -12.77 -12.64
N ASP D 108 29.25 -12.48 -11.35
CA ASP D 108 30.36 -12.06 -10.50
C ASP D 108 30.23 -12.69 -9.13
N VAL D 109 31.36 -13.16 -8.58
CA VAL D 109 31.41 -13.78 -7.27
C VAL D 109 32.47 -13.08 -6.44
N PRO D 110 32.39 -13.11 -5.12
CA PRO D 110 33.45 -12.52 -4.29
C PRO D 110 34.78 -13.25 -4.49
N MET D 111 35.74 -12.55 -5.07
CA MET D 111 37.00 -13.12 -5.49
C MET D 111 38.15 -12.23 -5.05
N VAL D 112 39.18 -12.84 -4.44
CA VAL D 112 40.37 -12.11 -4.00
C VAL D 112 41.60 -12.88 -4.46
N LEU D 113 42.67 -12.15 -4.80
CA LEU D 113 43.93 -12.75 -5.21
C LEU D 113 45.00 -12.43 -4.17
N VAL D 114 45.81 -13.44 -3.83
CA VAL D 114 46.80 -13.32 -2.76
C VAL D 114 48.15 -13.81 -3.27
N GLY D 115 49.19 -13.02 -3.05
CA GLY D 115 50.55 -13.40 -3.37
C GLY D 115 51.34 -13.74 -2.12
N ASN D 116 51.78 -14.98 -2.02
CA ASN D 116 52.40 -15.51 -0.80
C ASN D 116 53.90 -15.67 -0.96
N LYS D 117 54.59 -15.66 0.18
CA LYS D 117 56.02 -15.95 0.26
C LYS D 117 56.83 -14.99 -0.61
N CYS D 118 56.77 -13.70 -0.25
CA CYS D 118 57.39 -12.65 -1.06
C CYS D 118 58.66 -12.07 -0.45
N ASP D 119 58.73 -11.93 0.87
CA ASP D 119 59.86 -11.24 1.47
C ASP D 119 61.14 -12.07 1.41
N LEU D 120 61.06 -13.36 1.74
CA LEU D 120 62.25 -14.19 1.82
C LEU D 120 62.77 -14.60 0.44
N PRO D 121 61.98 -15.26 -0.41
CA PRO D 121 62.55 -15.81 -1.65
C PRO D 121 62.85 -14.73 -2.67
N SER D 122 63.61 -15.12 -3.69
CA SER D 122 63.91 -14.22 -4.79
C SER D 122 62.64 -13.85 -5.54
N ARG D 123 62.63 -12.65 -6.12
CA ARG D 123 61.43 -12.05 -6.67
C ARG D 123 61.59 -11.86 -8.17
N THR D 124 60.70 -12.47 -8.96
CA THR D 124 60.80 -12.48 -10.41
C THR D 124 59.61 -11.82 -11.09
N VAL D 125 58.38 -12.25 -10.78
CA VAL D 125 57.21 -11.76 -11.51
C VAL D 125 56.90 -10.33 -11.08
N ASP D 126 56.76 -9.44 -12.06
CA ASP D 126 56.68 -8.01 -11.81
C ASP D 126 55.41 -7.62 -11.06
N THR D 127 55.58 -6.72 -10.08
CA THR D 127 54.42 -6.15 -9.40
C THR D 127 53.53 -5.39 -10.37
N LYS D 128 54.12 -4.76 -11.39
CA LYS D 128 53.32 -4.12 -12.41
C LYS D 128 52.45 -5.14 -13.13
N GLN D 129 53.01 -6.31 -13.46
CA GLN D 129 52.22 -7.36 -14.08
C GLN D 129 51.10 -7.84 -13.16
N ALA D 130 51.42 -8.04 -11.87
CA ALA D 130 50.41 -8.52 -10.94
C ALA D 130 49.27 -7.51 -10.80
N GLN D 131 49.61 -6.22 -10.66
CA GLN D 131 48.58 -5.20 -10.52
C GLN D 131 47.78 -5.04 -11.81
N ASP D 132 48.44 -5.18 -12.97
CA ASP D 132 47.70 -5.12 -14.23
C ASP D 132 46.70 -6.25 -14.34
N LEU D 133 47.11 -7.47 -13.96
CA LEU D 133 46.18 -8.58 -13.99
C LEU D 133 45.04 -8.37 -13.01
N ALA D 134 45.34 -7.86 -11.81
CA ALA D 134 44.28 -7.61 -10.82
C ALA D 134 43.29 -6.58 -11.33
N ARG D 135 43.78 -5.47 -11.91
CA ARG D 135 42.89 -4.45 -12.42
C ARG D 135 42.08 -4.95 -13.61
N SER D 136 42.70 -5.75 -14.49
CA SER D 136 41.97 -6.30 -15.62
C SER D 136 40.89 -7.28 -15.17
N TYR D 137 41.16 -8.06 -14.13
CA TYR D 137 40.19 -9.03 -13.64
C TYR D 137 39.12 -8.39 -12.77
N GLY D 138 39.38 -7.24 -12.18
CA GLY D 138 38.40 -6.59 -11.33
C GLY D 138 38.33 -7.13 -9.92
N ILE D 139 39.42 -7.69 -9.41
CA ILE D 139 39.42 -8.26 -8.07
C ILE D 139 40.58 -7.68 -7.27
N PRO D 140 40.43 -7.51 -5.96
CA PRO D 140 41.53 -7.00 -5.14
C PRO D 140 42.70 -7.99 -5.07
N PHE D 141 43.90 -7.41 -4.92
CA PHE D 141 45.14 -8.15 -4.81
C PHE D 141 45.81 -7.79 -3.49
N ILE D 142 46.27 -8.81 -2.77
CA ILE D 142 46.87 -8.63 -1.44
C ILE D 142 48.16 -9.45 -1.37
N GLU D 143 49.21 -8.82 -0.83
CA GLU D 143 50.49 -9.47 -0.61
C GLU D 143 50.54 -9.97 0.82
N THR D 144 50.80 -11.26 1.00
CA THR D 144 50.76 -11.91 2.30
C THR D 144 52.01 -12.76 2.49
N SER D 145 52.57 -12.72 3.70
CA SER D 145 53.68 -13.58 4.08
C SER D 145 53.21 -14.55 5.17
N ALA D 146 53.38 -15.85 4.92
CA ALA D 146 52.82 -16.85 5.82
C ALA D 146 53.55 -16.89 7.15
N LYS D 147 54.89 -16.90 7.12
CA LYS D 147 55.66 -17.09 8.34
C LYS D 147 55.67 -15.86 9.23
N THR D 148 55.53 -14.66 8.65
CA THR D 148 55.55 -13.43 9.44
C THR D 148 54.15 -12.96 9.84
N ARG D 149 53.10 -13.62 9.36
CA ARG D 149 51.72 -13.34 9.76
C ARG D 149 51.33 -11.88 9.47
N GLN D 150 51.30 -11.57 8.18
CA GLN D 150 50.86 -10.26 7.72
C GLN D 150 50.03 -10.42 6.46
N GLY D 151 48.85 -9.77 6.43
CA GLY D 151 48.01 -9.70 5.26
C GLY D 151 46.79 -10.59 5.30
N VAL D 152 46.86 -11.70 6.04
CA VAL D 152 45.75 -12.67 6.04
C VAL D 152 44.49 -12.03 6.61
N ASP D 153 44.62 -11.34 7.75
CA ASP D 153 43.45 -10.76 8.40
C ASP D 153 42.77 -9.73 7.51
N ASP D 154 43.56 -8.83 6.92
CA ASP D 154 42.97 -7.79 6.07
C ASP D 154 42.36 -8.40 4.81
N ALA D 155 43.00 -9.43 4.23
CA ALA D 155 42.42 -10.08 3.06
C ALA D 155 41.06 -10.70 3.39
N PHE D 156 40.99 -11.41 4.52
CA PHE D 156 39.72 -12.01 4.92
C PHE D 156 38.66 -10.95 5.19
N TYR D 157 39.05 -9.85 5.84
CA TYR D 157 38.10 -8.79 6.14
C TYR D 157 37.58 -8.14 4.86
N THR D 158 38.46 -7.92 3.88
CA THR D 158 38.02 -7.33 2.62
C THR D 158 37.08 -8.27 1.87
N LEU D 159 37.36 -9.57 1.90
CA LEU D 159 36.45 -10.53 1.26
C LEU D 159 35.07 -10.50 1.92
N VAL D 160 35.04 -10.46 3.26
CA VAL D 160 33.77 -10.36 3.97
C VAL D 160 33.04 -9.08 3.61
N ARG D 161 33.78 -7.97 3.48
CA ARG D 161 33.18 -6.70 3.10
C ARG D 161 32.54 -6.78 1.72
N GLU D 162 33.22 -7.45 0.78
CA GLU D 162 32.65 -7.63 -0.56
C GLU D 162 31.35 -8.43 -0.49
N ILE D 163 31.33 -9.49 0.32
CA ILE D 163 30.11 -10.28 0.48
C ILE D 163 28.97 -9.40 0.99
N ARG D 164 29.26 -8.59 2.01
CA ARG D 164 28.24 -7.71 2.57
C ARG D 164 27.72 -6.73 1.53
N LEU D 165 28.63 -6.15 0.73
CA LEU D 165 28.21 -5.19 -0.29
C LEU D 165 27.28 -5.84 -1.30
N HIS D 166 27.61 -7.05 -1.74
CA HIS D 166 26.76 -7.73 -2.73
C HIS D 166 25.37 -7.99 -2.16
N LYS D 167 25.30 -8.47 -0.90
CA LYS D 167 24.00 -8.74 -0.30
C LYS D 167 23.16 -7.47 -0.21
N GLU D 168 23.79 -6.37 0.22
CA GLU D 168 23.07 -5.11 0.35
C GLU D 168 22.54 -4.63 -1.00
N LEU D 169 23.36 -4.75 -2.05
CA LEU D 169 22.92 -4.31 -3.37
C LEU D 169 21.70 -5.11 -3.84
N LYS D 170 21.74 -6.44 -3.65
CA LYS D 170 20.61 -7.25 -4.08
C LYS D 170 19.34 -6.87 -3.34
N GLN D 171 19.43 -6.70 -2.01
CA GLN D 171 18.25 -6.33 -1.24
C GLN D 171 17.67 -5.00 -1.70
N LEU D 172 18.54 -4.00 -1.91
CA LEU D 172 18.05 -2.69 -2.31
C LEU D 172 17.36 -2.74 -3.66
N GLU D 173 17.94 -3.47 -4.62
CA GLU D 173 17.33 -3.57 -5.95
C GLU D 173 15.94 -4.21 -5.86
N GLU D 174 15.81 -5.30 -5.10
CA GLU D 174 14.51 -5.95 -4.97
C GLU D 174 13.47 -5.00 -4.37
N GLU D 175 13.84 -4.29 -3.31
CA GLU D 175 12.89 -3.39 -2.67
C GLU D 175 12.46 -2.28 -3.62
N LEU D 176 13.40 -1.72 -4.39
CA LEU D 176 13.05 -0.67 -5.33
C LEU D 176 12.06 -1.18 -6.38
N GLN D 177 12.27 -2.39 -6.89
CA GLN D 177 11.33 -2.93 -7.87
C GLN D 177 9.93 -3.07 -7.29
N ALA D 178 9.85 -3.59 -6.07
CA ALA D 178 8.54 -3.76 -5.43
C ALA D 178 7.83 -2.41 -5.28
N ILE D 179 8.56 -1.40 -4.82
CA ILE D 179 7.94 -0.09 -4.60
C ILE D 179 7.48 0.52 -5.92
N GLU D 180 8.25 0.30 -7.00
CA GLU D 180 7.85 0.84 -8.30
C GLU D 180 6.53 0.23 -8.76
N GLU D 181 6.38 -1.09 -8.60
CA GLU D 181 5.13 -1.72 -8.99
C GLU D 181 3.96 -1.18 -8.15
N GLN D 182 4.20 -1.01 -6.85
CA GLN D 182 3.19 -0.39 -5.97
C GLN D 182 2.72 0.94 -6.54
N LEU D 183 3.69 1.80 -6.87
CA LEU D 183 3.38 3.15 -7.34
C LEU D 183 2.56 3.10 -8.62
N ALA D 184 2.93 2.22 -9.55
CA ALA D 184 2.21 2.15 -10.82
C ALA D 184 0.74 1.79 -10.60
N GLN D 185 0.48 0.74 -9.81
CA GLN D 185 -0.91 0.34 -9.62
C GLN D 185 -1.72 1.44 -8.92
N LEU D 186 -1.14 2.05 -7.88
CA LEU D 186 -1.87 3.10 -7.18
C LEU D 186 -2.14 4.28 -8.10
N GLN D 187 -1.20 4.60 -8.99
CA GLN D 187 -1.40 5.69 -9.94
C GLN D 187 -2.60 5.43 -10.84
N TRP D 188 -2.70 4.21 -11.38
CA TRP D 188 -3.82 3.92 -12.25
C TRP D 188 -5.15 4.00 -11.50
N LYS D 189 -5.18 3.45 -10.28
CA LYS D 189 -6.42 3.52 -9.50
C LYS D 189 -6.84 4.96 -9.24
N ALA D 190 -5.88 5.81 -8.86
CA ALA D 190 -6.20 7.21 -8.59
C ALA D 190 -6.71 7.91 -9.84
N GLN D 191 -6.09 7.65 -11.00
CA GLN D 191 -6.54 8.29 -12.23
C GLN D 191 -7.98 7.91 -12.55
N ALA D 192 -8.30 6.62 -12.44
CA ALA D 192 -9.65 6.18 -12.74
C ALA D 192 -10.66 6.81 -11.79
N ARG D 193 -10.35 6.84 -10.49
CA ARG D 193 -11.29 7.40 -9.53
C ARG D 193 -11.49 8.89 -9.77
N LYS D 194 -10.42 9.63 -10.05
CA LYS D 194 -10.55 11.06 -10.30
C LYS D 194 -11.36 11.34 -11.55
N GLU D 195 -11.16 10.54 -12.61
CA GLU D 195 -11.97 10.71 -13.80
C GLU D 195 -13.45 10.46 -13.52
N LYS D 196 -13.75 9.41 -12.74
CA LYS D 196 -15.13 9.16 -12.37
C LYS D 196 -15.73 10.31 -11.57
N LEU D 197 -14.97 10.86 -10.63
CA LEU D 197 -15.46 11.98 -9.84
C LEU D 197 -15.75 13.19 -10.72
N ALA D 198 -14.86 13.49 -11.67
CA ALA D 198 -15.10 14.62 -12.56
C ALA D 198 -16.35 14.39 -13.41
N GLN D 199 -16.52 13.17 -13.93
CA GLN D 199 -17.69 12.87 -14.75
C GLN D 199 -18.97 13.02 -13.93
N LEU D 200 -18.96 12.55 -12.68
CA LEU D 200 -20.15 12.69 -11.84
C LEU D 200 -20.44 14.15 -11.52
N LYS D 201 -19.40 14.94 -11.23
CA LYS D 201 -19.61 16.35 -10.93
C LYS D 201 -20.14 17.11 -12.13
N GLU D 202 -19.71 16.74 -13.34
CA GLU D 202 -20.16 17.45 -14.54
C GLU D 202 -21.67 17.36 -14.72
N LYS D 203 -22.29 16.25 -14.28
CA LYS D 203 -23.73 16.09 -14.46
C LYS D 203 -24.51 17.12 -13.65
N LEU D 204 -24.12 17.36 -12.41
CA LEU D 204 -24.84 18.27 -11.54
C LEU D 204 -24.38 19.71 -11.75
#